data_6Z2S
#
_entry.id   6Z2S
#
_cell.length_a   90.931
_cell.length_b   144.220
_cell.length_c   156.937
_cell.angle_alpha   90.000
_cell.angle_beta   90.000
_cell.angle_gamma   90.000
#
_symmetry.space_group_name_H-M   'C 2 2 21'
#
loop_
_entity.id
_entity.type
_entity.pdbx_description
1 polymer 'Myosin-2 heavy chain'
2 non-polymer 'MAGNESIUM ION'
3 non-polymer 3,6-dibromo-1-(hydroxymethyl)carbazole
4 non-polymer 'ADP METAVANADATE'
5 non-polymer 'ACETATE ION'
6 non-polymer GLYCEROL
7 water water
#
_entity_poly.entity_id   1
_entity_poly.type   'polypeptide(L)'
_entity_poly.pdbx_seq_one_letter_code
;MHHHHHHHDGTENPIHDRTSDYHKYLKVKQGDSDLFKLTVSDKRYIWYNPDPKERDSYECGEIVSETSDSFTFKTVDGQD
RQVKKDDANQRNPIKFDGVEDMSELSYLNEPAVFHNLRVRYNQDLIYTYSGLFLVAVNPFKRIPIYTQEMVDIFKGRRRN
EVAPHIFAISDVAYRSMLDDRQNQSLLITGESGAGKTENTKKVIQYLASVAGRNQANGSGVLEQQILQANPILEAFGNAK
TTRNNNSSRFGKFIEIQFNSAGFISGASIQSYLLEKSRVVFQSETERNYHIFYQLLAGATAEEKKALHLAGPESFNYLNQ
SGCVDIKGVSDSEEFKITRQAMDIVGFSQEEQMSIFKIIAGILHLGNIKFEKGAGEGAVLKDKTALNAASTVFGVNPSVL
EKALMEPRILAGRDLVAQHLNVEKSSSSRDALVKALYGRLFLWLVKKINNVLCQERKAYFIGVLDISGFEIFKVNSFEQL
CINYTNEKLQQFFNHHMFKLEQEEYLKEKINWTFIDFGLDSQATIDLIDGRQPPGILALLDEQSVFPNATDNTLITKLHS
HFSKKNAKYEEPRFSKTEFGVTHYAGQVMYEIQDWLEKNKDPLQQDLELCFKDSSDNVVTKLFNDPNIASRAKKGANFIT
VAAQYKEQLASLMATLETTNPHFVRCIIPNNKQLPAKLEDKVVLDQLRCNGVLEGIRITRKGFPNRIIYADFVKRYYLLA
PNVPRDAEDSQKATDAVLKHLNIDPEQYRFGITKIFFRAGQLARIEEAREQRLESNEPPMDFDDDIPF
;
_entity_poly.pdbx_strand_id   A
#
loop_
_chem_comp.id
_chem_comp.type
_chem_comp.name
_chem_comp.formula
ACT non-polymer 'ACETATE ION' 'C2 H3 O2 -1'
AD9 non-polymer 'ADP METAVANADATE' 'C10 H16 N5 O13 P2 V'
GOL non-polymer GLYCEROL 'C3 H8 O3'
MG non-polymer 'MAGNESIUM ION' 'Mg 2'
Q5Q non-polymer 3,6-dibromo-1-(hydroxymethyl)carbazole 'C13 H9 Br2 N O'
#
# COMPACT_ATOMS: atom_id res chain seq x y z
N ASP A 17 29.35 -0.79 20.49
CA ASP A 17 30.30 -0.41 19.44
C ASP A 17 30.15 -1.35 18.24
N ARG A 18 31.22 -1.47 17.44
CA ARG A 18 31.16 -2.29 16.24
C ARG A 18 30.75 -3.73 16.55
N THR A 19 31.10 -4.23 17.74
CA THR A 19 30.72 -5.59 18.10
C THR A 19 29.21 -5.73 18.29
N SER A 20 28.52 -4.64 18.59
CA SER A 20 27.09 -4.69 18.87
C SER A 20 26.34 -5.31 17.70
N ASP A 21 25.27 -6.06 18.02
CA ASP A 21 24.40 -6.58 16.97
C ASP A 21 23.85 -5.47 16.10
N TYR A 22 23.74 -4.25 16.65
CA TYR A 22 23.16 -3.14 15.90
C TYR A 22 24.17 -2.51 14.96
N HIS A 23 25.46 -2.47 15.34
CA HIS A 23 26.47 -1.99 14.40
C HIS A 23 26.70 -2.98 13.27
N LYS A 24 26.47 -4.27 13.53
CA LYS A 24 26.70 -5.27 12.49
C LYS A 24 25.75 -5.11 11.31
N TYR A 25 24.46 -4.86 11.60
CA TYR A 25 23.43 -4.91 10.57
C TYR A 25 22.73 -3.58 10.30
N LEU A 26 22.91 -2.56 11.14
CA LEU A 26 22.21 -1.29 10.95
C LEU A 26 23.12 -0.13 10.56
N LYS A 27 24.42 -0.23 10.77
CA LYS A 27 25.33 0.88 10.48
C LYS A 27 26.43 0.43 9.53
N VAL A 28 26.97 1.41 8.80
CA VAL A 28 27.95 1.12 7.75
C VAL A 28 29.25 0.63 8.36
N LYS A 29 29.78 -0.46 7.81
CA LYS A 29 31.09 -0.95 8.23
C LYS A 29 32.11 0.18 8.19
N GLN A 30 33.03 0.18 9.15
CA GLN A 30 34.14 1.12 9.08
C GLN A 30 35.07 0.72 7.94
N GLY A 31 35.39 1.69 7.09
CA GLY A 31 36.13 1.40 5.88
C GLY A 31 37.60 1.12 6.14
N ASP A 32 38.24 0.57 5.12
CA ASP A 32 39.65 0.23 5.18
C ASP A 32 40.49 1.48 5.51
N SER A 33 41.71 1.23 5.95
CA SER A 33 42.68 2.32 6.08
C SER A 33 43.17 2.78 4.72
N ASP A 34 43.19 1.88 3.73
CA ASP A 34 43.51 2.27 2.37
C ASP A 34 42.38 3.11 1.77
N LEU A 35 41.13 2.85 2.17
CA LEU A 35 40.02 3.68 1.71
C LEU A 35 40.21 5.13 2.14
N PHE A 36 40.73 5.33 3.36
CA PHE A 36 41.05 6.68 3.81
C PHE A 36 41.91 7.42 2.79
N LYS A 37 42.89 6.73 2.22
CA LYS A 37 43.74 7.35 1.21
C LYS A 37 42.91 7.91 0.06
N LEU A 38 41.80 7.24 -0.28
CA LEU A 38 40.94 7.73 -1.36
C LEU A 38 39.95 8.76 -0.86
N THR A 39 39.40 8.57 0.34
CA THR A 39 38.39 9.47 0.86
C THR A 39 38.87 10.91 0.97
N VAL A 40 40.20 11.12 1.04
CA VAL A 40 40.76 12.46 1.12
C VAL A 40 41.26 12.96 -0.23
N SER A 41 41.08 12.18 -1.29
CA SER A 41 41.54 12.59 -2.61
C SER A 41 40.91 13.93 -2.99
N ASP A 42 41.71 14.77 -3.66
CA ASP A 42 41.23 16.06 -4.15
C ASP A 42 40.57 15.94 -5.53
N LYS A 43 40.39 14.73 -6.03
CA LYS A 43 39.82 14.53 -7.36
C LYS A 43 38.32 14.82 -7.36
N ARG A 44 37.78 15.01 -8.56
CA ARG A 44 36.37 15.29 -8.77
C ARG A 44 35.87 14.45 -9.93
N TYR A 45 34.94 13.54 -9.66
CA TYR A 45 34.40 12.64 -10.67
C TYR A 45 32.97 13.06 -11.03
N ILE A 46 32.37 12.29 -11.94
CA ILE A 46 31.10 12.66 -12.54
C ILE A 46 30.44 11.40 -13.09
N TRP A 47 29.13 11.29 -12.88
CA TRP A 47 28.35 10.19 -13.46
C TRP A 47 28.00 10.51 -14.91
N TYR A 48 28.18 9.53 -15.80
CA TYR A 48 27.92 9.71 -17.22
C TYR A 48 27.29 8.43 -17.77
N ASN A 49 26.86 8.52 -19.03
CA ASN A 49 26.19 7.41 -19.71
C ASN A 49 27.08 6.88 -20.82
N PRO A 50 27.76 5.75 -20.65
CA PRO A 50 28.50 5.15 -21.78
C PRO A 50 27.61 4.87 -22.97
N ASP A 51 26.31 4.73 -22.78
CA ASP A 51 25.35 4.52 -23.87
C ASP A 51 24.21 5.52 -23.69
N PRO A 52 24.21 6.62 -24.43
CA PRO A 52 23.10 7.60 -24.28
C PRO A 52 21.73 7.01 -24.55
N LYS A 53 21.64 5.83 -25.16
CA LYS A 53 20.34 5.19 -25.36
C LYS A 53 19.76 4.62 -24.08
N GLU A 54 20.54 4.56 -23.00
CA GLU A 54 20.10 4.04 -21.71
C GLU A 54 20.44 5.07 -20.65
N ARG A 55 19.48 5.93 -20.32
CA ARG A 55 19.70 7.05 -19.42
C ARG A 55 19.69 6.65 -17.96
N ASP A 56 19.71 5.36 -17.64
CA ASP A 56 19.72 4.89 -16.26
C ASP A 56 20.95 4.06 -15.91
N SER A 57 21.77 3.68 -16.89
CA SER A 57 23.01 2.94 -16.65
C SER A 57 24.16 3.94 -16.68
N TYR A 58 24.61 4.40 -15.51
CA TYR A 58 25.69 5.35 -15.43
C TYR A 58 27.00 4.72 -15.10
N GLU A 59 28.08 5.47 -15.29
CA GLU A 59 29.44 5.04 -15.01
C GLU A 59 30.21 6.24 -14.47
N CYS A 60 31.26 5.95 -13.70
CA CYS A 60 32.01 6.98 -13.00
C CYS A 60 33.20 7.43 -13.84
N GLY A 61 33.19 8.71 -14.24
CA GLY A 61 34.31 9.31 -14.94
C GLY A 61 34.92 10.43 -14.13
N GLU A 62 36.21 10.67 -14.35
CA GLU A 62 36.96 11.67 -13.60
C GLU A 62 36.98 12.99 -14.39
N ILE A 63 36.54 14.07 -13.74
CA ILE A 63 36.65 15.39 -14.37
C ILE A 63 38.12 15.71 -14.55
N VAL A 64 38.54 15.85 -15.81
CA VAL A 64 39.93 16.17 -16.12
C VAL A 64 40.17 17.67 -16.08
N SER A 65 39.36 18.43 -16.82
CA SER A 65 39.52 19.87 -16.91
C SER A 65 38.14 20.50 -17.05
N GLU A 66 38.06 21.78 -16.70
CA GLU A 66 36.80 22.53 -16.76
C GLU A 66 37.03 23.86 -17.43
N THR A 67 36.13 24.21 -18.36
CA THR A 67 36.07 25.57 -18.88
C THR A 67 35.18 26.39 -17.94
N SER A 68 34.78 27.58 -18.37
CA SER A 68 33.92 28.39 -17.53
C SER A 68 32.59 27.71 -17.25
N ASP A 69 32.03 27.02 -18.24
CA ASP A 69 30.74 26.35 -18.08
C ASP A 69 30.73 25.00 -18.78
N SER A 70 31.79 24.21 -18.60
CA SER A 70 31.83 22.87 -19.17
C SER A 70 32.75 22.00 -18.34
N PHE A 71 32.66 20.68 -18.56
CA PHE A 71 33.52 19.70 -17.94
C PHE A 71 34.08 18.75 -19.00
N THR A 72 35.33 18.38 -18.85
CA THR A 72 35.94 17.33 -19.66
C THR A 72 36.38 16.21 -18.73
N PHE A 73 35.95 14.99 -19.03
CA PHE A 73 36.26 13.84 -18.21
C PHE A 73 36.66 12.67 -19.10
N LYS A 74 37.41 11.75 -18.52
CA LYS A 74 37.87 10.55 -19.22
C LYS A 74 36.95 9.40 -18.85
N THR A 75 36.28 8.82 -19.86
CA THR A 75 35.43 7.67 -19.62
C THR A 75 36.26 6.51 -19.11
N VAL A 76 35.57 5.46 -18.67
CA VAL A 76 36.26 4.26 -18.20
C VAL A 76 37.17 3.71 -19.30
N ASP A 77 36.76 3.86 -20.56
CA ASP A 77 37.60 3.43 -21.68
C ASP A 77 38.77 4.37 -21.93
N GLY A 78 38.79 5.54 -21.28
CA GLY A 78 39.83 6.52 -21.49
C GLY A 78 39.42 7.67 -22.39
N GLN A 79 38.46 7.45 -23.28
CA GLN A 79 38.00 8.51 -24.17
C GLN A 79 37.59 9.74 -23.37
N ASP A 80 37.87 10.92 -23.93
CA ASP A 80 37.52 12.17 -23.28
C ASP A 80 36.16 12.65 -23.80
N ARG A 81 35.19 12.74 -22.90
CA ARG A 81 33.88 13.30 -23.21
C ARG A 81 33.76 14.67 -22.56
N GLN A 82 32.79 15.45 -23.04
CA GLN A 82 32.64 16.83 -22.60
C GLN A 82 31.15 17.11 -22.37
N VAL A 83 30.85 17.80 -21.26
CA VAL A 83 29.48 18.09 -20.87
C VAL A 83 29.43 19.46 -20.22
N LYS A 84 28.26 20.09 -20.31
CA LYS A 84 28.03 21.39 -19.69
C LYS A 84 27.85 21.23 -18.18
N LYS A 85 28.28 22.24 -17.43
CA LYS A 85 28.07 22.22 -15.99
C LYS A 85 26.60 22.10 -15.64
N ASP A 86 25.72 22.68 -16.47
CA ASP A 86 24.29 22.64 -16.19
C ASP A 86 23.74 21.23 -16.24
N ASP A 87 24.14 20.46 -17.24
CA ASP A 87 23.67 19.09 -17.43
C ASP A 87 24.51 18.07 -16.68
N ALA A 88 25.60 18.49 -16.05
CA ALA A 88 26.53 17.56 -15.43
C ALA A 88 25.94 16.94 -14.16
N ASN A 89 26.23 15.66 -13.95
CA ASN A 89 25.82 14.92 -12.77
C ASN A 89 27.08 14.57 -11.99
N GLN A 90 27.54 15.50 -11.16
CA GLN A 90 28.77 15.29 -10.41
C GLN A 90 28.57 14.21 -9.36
N ARG A 91 29.65 13.48 -9.06
CA ARG A 91 29.65 12.48 -8.01
C ARG A 91 30.03 13.12 -6.69
N ASN A 92 29.26 12.83 -5.65
CA ASN A 92 29.59 13.33 -4.32
C ASN A 92 30.93 12.74 -3.87
N PRO A 93 31.69 13.46 -3.05
CA PRO A 93 32.89 12.87 -2.47
C PRO A 93 32.54 11.59 -1.70
N ILE A 94 33.36 10.57 -1.88
CA ILE A 94 33.05 9.24 -1.34
C ILE A 94 32.85 9.26 0.17
N LYS A 95 33.21 10.35 0.85
CA LYS A 95 32.91 10.47 2.28
C LYS A 95 31.41 10.42 2.54
N PHE A 96 30.59 10.72 1.54
CA PHE A 96 29.14 10.66 1.68
C PHE A 96 28.57 9.27 1.41
N ASP A 97 29.32 8.40 0.75
CA ASP A 97 28.84 7.05 0.46
C ASP A 97 28.40 6.37 1.74
N GLY A 98 27.12 6.01 1.80
CA GLY A 98 26.53 5.40 2.97
C GLY A 98 25.82 6.34 3.91
N VAL A 99 25.86 7.65 3.65
CA VAL A 99 25.21 8.63 4.52
C VAL A 99 23.76 8.22 4.76
N GLU A 100 23.26 8.51 5.95
CA GLU A 100 21.94 8.01 6.35
C GLU A 100 20.82 8.91 5.85
N ASP A 101 20.91 10.21 6.11
CA ASP A 101 19.96 11.19 5.60
C ASP A 101 20.52 11.80 4.33
N MET A 102 19.85 11.55 3.20
CA MET A 102 20.38 11.94 1.90
C MET A 102 20.23 13.43 1.60
N SER A 103 19.60 14.20 2.49
CA SER A 103 19.61 15.64 2.33
C SER A 103 20.97 16.25 2.68
N GLU A 104 21.87 15.47 3.28
CA GLU A 104 23.21 15.92 3.59
C GLU A 104 24.16 15.85 2.39
N LEU A 105 23.68 15.37 1.25
CA LEU A 105 24.51 15.29 0.05
C LEU A 105 24.64 16.66 -0.58
N SER A 106 25.82 16.94 -1.15
CA SER A 106 26.06 18.20 -1.83
C SER A 106 25.60 18.13 -3.29
N TYR A 107 26.11 17.16 -4.04
CA TYR A 107 25.70 16.95 -5.43
C TYR A 107 24.52 15.99 -5.41
N LEU A 108 23.33 16.53 -5.63
CA LEU A 108 22.07 15.82 -5.43
C LEU A 108 21.39 15.61 -6.78
N ASN A 109 21.31 14.35 -7.20
CA ASN A 109 20.72 14.01 -8.49
C ASN A 109 20.42 12.53 -8.51
N GLU A 110 19.68 12.10 -9.54
CA GLU A 110 19.27 10.70 -9.65
C GLU A 110 20.45 9.74 -9.54
N PRO A 111 21.52 9.87 -10.34
CA PRO A 111 22.66 8.95 -10.18
C PRO A 111 23.17 8.87 -8.74
N ALA A 112 23.50 10.01 -8.14
CA ALA A 112 24.09 10.01 -6.80
C ALA A 112 23.13 9.41 -5.78
N VAL A 113 21.87 9.84 -5.81
CA VAL A 113 20.90 9.31 -4.85
C VAL A 113 20.77 7.81 -4.99
N PHE A 114 20.96 7.29 -6.21
CA PHE A 114 20.88 5.86 -6.43
C PHE A 114 22.14 5.15 -5.95
N HIS A 115 23.32 5.78 -6.12
CA HIS A 115 24.56 5.16 -5.69
C HIS A 115 24.57 4.98 -4.17
N ASN A 116 24.14 6.00 -3.42
CA ASN A 116 24.07 5.87 -1.97
C ASN A 116 23.25 4.67 -1.55
N LEU A 117 22.31 4.24 -2.41
CA LEU A 117 21.47 3.10 -2.08
C LEU A 117 22.16 1.78 -2.43
N ARG A 118 22.91 1.74 -3.54
CA ARG A 118 23.77 0.59 -3.79
C ARG A 118 24.70 0.34 -2.61
N VAL A 119 25.41 1.38 -2.18
CA VAL A 119 26.34 1.27 -1.07
C VAL A 119 25.63 0.65 0.14
N ARG A 120 24.56 1.27 0.59
CA ARG A 120 23.87 0.81 1.79
C ARG A 120 23.21 -0.56 1.56
N TYR A 121 22.50 -0.70 0.45
CA TYR A 121 21.81 -1.95 0.18
C TYR A 121 22.79 -3.12 0.09
N ASN A 122 24.02 -2.88 -0.36
CA ASN A 122 25.00 -3.95 -0.46
C ASN A 122 25.52 -4.38 0.91
N GLN A 123 25.32 -3.56 1.95
CA GLN A 123 25.61 -3.96 3.32
C GLN A 123 24.36 -4.36 4.08
N ASP A 124 23.33 -4.84 3.36
CA ASP A 124 22.07 -5.22 3.96
C ASP A 124 21.49 -4.07 4.79
N LEU A 125 21.70 -2.85 4.32
CA LEU A 125 21.15 -1.64 4.94
C LEU A 125 20.04 -1.14 4.02
N ILE A 126 18.79 -1.53 4.33
CA ILE A 126 17.66 -1.26 3.45
C ILE A 126 16.96 0.05 3.75
N TYR A 127 17.25 0.68 4.89
CA TYR A 127 16.57 1.88 5.33
C TYR A 127 17.49 3.08 5.17
N THR A 128 16.96 4.16 4.59
CA THR A 128 17.76 5.36 4.32
C THR A 128 16.82 6.55 4.35
N TYR A 129 16.98 7.43 5.33
CA TYR A 129 16.23 8.68 5.33
C TYR A 129 16.60 9.49 4.10
N SER A 130 15.64 10.28 3.63
CA SER A 130 15.92 11.26 2.58
C SER A 130 14.90 12.38 2.78
N GLY A 131 15.32 13.43 3.48
CA GLY A 131 14.39 14.43 3.94
C GLY A 131 13.65 13.92 5.17
N LEU A 132 12.37 14.24 5.29
CA LEU A 132 11.59 13.79 6.43
C LEU A 132 10.95 12.43 6.23
N PHE A 133 10.92 11.91 5.01
CA PHE A 133 10.35 10.58 4.76
C PHE A 133 11.46 9.54 4.80
N LEU A 134 11.06 8.28 4.67
CA LEU A 134 11.97 7.15 4.77
C LEU A 134 11.89 6.29 3.52
N VAL A 135 13.03 5.81 3.07
CA VAL A 135 13.13 4.91 1.93
C VAL A 135 13.39 3.49 2.45
N ALA A 136 12.78 2.51 1.80
CA ALA A 136 12.93 1.12 2.19
C ALA A 136 13.03 0.26 0.94
N VAL A 137 14.23 -0.23 0.65
CA VAL A 137 14.47 -1.10 -0.49
C VAL A 137 14.28 -2.55 -0.05
N ASN A 138 13.41 -3.28 -0.72
CA ASN A 138 13.09 -4.65 -0.33
C ASN A 138 14.34 -5.52 -0.43
N PRO A 139 14.77 -6.19 0.66
CA PRO A 139 15.97 -7.02 0.60
C PRO A 139 15.72 -8.41 0.01
N PHE A 140 14.51 -8.93 0.19
CA PHE A 140 14.17 -10.30 -0.19
C PHE A 140 15.06 -11.32 0.54
N LYS A 141 15.55 -10.96 1.71
CA LYS A 141 16.20 -11.91 2.60
C LYS A 141 15.88 -11.49 4.04
N ARG A 142 15.74 -12.48 4.91
CA ARG A 142 15.46 -12.20 6.31
C ARG A 142 16.66 -11.53 6.94
N ILE A 143 16.53 -10.23 7.23
CA ILE A 143 17.58 -9.46 7.88
C ILE A 143 17.24 -9.35 9.35
N PRO A 144 18.10 -9.82 10.27
CA PRO A 144 17.72 -9.82 11.71
C PRO A 144 17.87 -8.45 12.35
N ILE A 145 16.92 -7.56 12.04
CA ILE A 145 16.93 -6.20 12.57
C ILE A 145 15.57 -5.85 13.14
N TYR A 146 14.76 -6.87 13.47
CA TYR A 146 13.43 -6.65 14.01
C TYR A 146 13.24 -7.40 15.32
N THR A 147 14.33 -7.83 15.95
CA THR A 147 14.24 -8.55 17.22
C THR A 147 13.81 -7.60 18.34
N GLN A 148 13.55 -8.17 19.51
CA GLN A 148 13.07 -7.38 20.63
C GLN A 148 14.13 -6.37 21.08
N GLU A 149 15.40 -6.77 21.09
CA GLU A 149 16.46 -5.85 21.48
C GLU A 149 16.39 -4.56 20.66
N MET A 150 16.06 -4.67 19.38
CA MET A 150 15.94 -3.49 18.55
C MET A 150 14.85 -2.56 19.05
N VAL A 151 13.63 -3.09 19.23
CA VAL A 151 12.51 -2.28 19.71
C VAL A 151 12.90 -1.55 20.99
N ASP A 152 13.69 -2.20 21.85
CA ASP A 152 14.12 -1.58 23.10
C ASP A 152 15.05 -0.41 22.85
N ILE A 153 15.85 -0.47 21.77
CA ILE A 153 16.81 0.58 21.51
C ILE A 153 16.10 1.87 21.10
N PHE A 154 15.13 1.77 20.21
CA PHE A 154 14.45 2.95 19.69
C PHE A 154 13.38 3.48 20.64
N LYS A 155 13.15 2.85 21.78
CA LYS A 155 12.15 3.31 22.73
C LYS A 155 12.67 4.58 23.40
N GLY A 156 12.22 5.73 22.90
CA GLY A 156 12.60 7.02 23.42
C GLY A 156 13.67 7.74 22.61
N ARG A 157 14.55 7.00 21.95
CA ARG A 157 15.65 7.61 21.22
C ARG A 157 15.13 8.46 20.06
N ARG A 158 15.72 9.64 19.90
CA ARG A 158 15.29 10.56 18.86
C ARG A 158 15.76 10.08 17.49
N ARG A 159 15.00 10.48 16.46
CA ARG A 159 15.32 10.10 15.08
C ARG A 159 16.79 10.36 14.76
N ASN A 160 17.33 11.48 15.25
CA ASN A 160 18.73 11.81 14.97
C ASN A 160 19.70 10.93 15.77
N GLU A 161 19.25 10.36 16.89
CA GLU A 161 20.12 9.54 17.72
C GLU A 161 20.38 8.16 17.14
N VAL A 162 19.48 7.66 16.29
CA VAL A 162 19.55 6.28 15.80
C VAL A 162 19.59 6.31 14.28
N ALA A 163 19.87 5.14 13.71
CA ALA A 163 20.01 4.97 12.27
C ALA A 163 18.64 4.85 11.62
N PRO A 164 18.58 4.84 10.28
CA PRO A 164 17.30 4.64 9.60
C PRO A 164 16.70 3.28 9.96
N HIS A 165 15.45 3.32 10.41
CA HIS A 165 14.73 2.09 10.74
C HIS A 165 13.24 2.41 10.84
N ILE A 166 12.42 1.46 10.39
CA ILE A 166 10.97 1.65 10.46
C ILE A 166 10.53 1.92 11.89
N PHE A 167 11.22 1.34 12.88
CA PHE A 167 10.93 1.65 14.27
C PHE A 167 11.14 3.13 14.56
N ALA A 168 12.18 3.72 13.98
CA ALA A 168 12.49 5.11 14.28
C ALA A 168 11.34 6.03 13.88
N ILE A 169 10.89 5.93 12.64
CA ILE A 169 9.80 6.79 12.17
C ILE A 169 8.50 6.44 12.88
N SER A 170 8.35 5.19 13.31
CA SER A 170 7.18 4.83 14.10
C SER A 170 7.22 5.47 15.48
N ASP A 171 8.43 5.64 16.04
CA ASP A 171 8.56 6.35 17.31
C ASP A 171 8.33 7.84 17.13
N VAL A 172 8.93 8.43 16.08
CA VAL A 172 8.72 9.84 15.81
C VAL A 172 7.22 10.14 15.72
N ALA A 173 6.48 9.25 15.06
CA ALA A 173 5.03 9.42 15.02
C ALA A 173 4.43 9.31 16.41
N TYR A 174 4.86 8.30 17.18
CA TYR A 174 4.32 8.13 18.52
C TYR A 174 4.64 9.32 19.40
N ARG A 175 5.89 9.77 19.38
CA ARG A 175 6.27 10.92 20.19
C ARG A 175 5.58 12.20 19.70
N SER A 176 5.46 12.37 18.38
CA SER A 176 4.73 13.51 17.85
C SER A 176 3.27 13.46 18.27
N MET A 177 2.72 12.26 18.49
CA MET A 177 1.34 12.14 18.95
C MET A 177 1.21 12.65 20.38
N LEU A 178 2.17 12.33 21.24
CA LEU A 178 2.10 12.74 22.63
C LEU A 178 2.54 14.19 22.80
N ASP A 179 3.70 14.54 22.26
CA ASP A 179 4.21 15.90 22.40
C ASP A 179 3.21 16.92 21.86
N ASP A 180 2.83 16.78 20.59
CA ASP A 180 1.93 17.73 19.95
C ASP A 180 0.46 17.45 20.25
N ARG A 181 0.14 16.27 20.78
CA ARG A 181 -1.25 15.91 21.07
C ARG A 181 -2.10 15.90 19.80
N GLN A 182 -1.49 15.45 18.71
CA GLN A 182 -2.14 15.41 17.40
C GLN A 182 -2.14 13.99 16.86
N ASN A 183 -3.22 13.64 16.15
CA ASN A 183 -3.30 12.32 15.53
C ASN A 183 -2.26 12.20 14.41
N GLN A 184 -1.75 10.98 14.23
CA GLN A 184 -0.68 10.70 13.30
C GLN A 184 -1.13 9.62 12.31
N SER A 185 -0.27 9.34 11.33
CA SER A 185 -0.51 8.27 10.39
C SER A 185 0.76 7.99 9.61
N LEU A 186 1.05 6.70 9.41
CA LEU A 186 2.22 6.27 8.64
C LEU A 186 1.75 5.79 7.28
N LEU A 187 2.08 6.55 6.24
CA LEU A 187 1.64 6.28 4.88
C LEU A 187 2.78 5.59 4.15
N ILE A 188 2.57 4.33 3.77
CA ILE A 188 3.60 3.50 3.15
C ILE A 188 3.20 3.26 1.70
N THR A 189 4.03 3.74 0.78
CA THR A 189 3.78 3.66 -0.65
C THR A 189 4.80 2.75 -1.31
N GLY A 190 4.42 2.16 -2.43
CA GLY A 190 5.36 1.35 -3.19
C GLY A 190 4.67 0.58 -4.29
N GLU A 191 5.51 0.06 -5.19
CA GLU A 191 5.08 -0.85 -6.25
C GLU A 191 4.64 -2.19 -5.65
N SER A 192 4.02 -3.01 -6.48
CA SER A 192 3.59 -4.33 -6.03
C SER A 192 4.79 -5.15 -5.59
N GLY A 193 4.66 -5.81 -4.44
CA GLY A 193 5.75 -6.60 -3.89
C GLY A 193 6.98 -5.79 -3.59
N ALA A 194 6.81 -4.68 -2.88
CA ALA A 194 7.90 -3.78 -2.56
C ALA A 194 8.24 -3.72 -1.08
N GLY A 195 7.42 -4.34 -0.23
CA GLY A 195 7.62 -4.30 1.20
C GLY A 195 6.62 -3.47 1.98
N LYS A 196 5.47 -3.13 1.39
CA LYS A 196 4.46 -2.39 2.12
C LYS A 196 3.92 -3.22 3.28
N THR A 197 3.51 -4.45 3.00
CA THR A 197 2.86 -5.27 4.02
C THR A 197 3.82 -5.61 5.16
N GLU A 198 5.05 -6.00 4.84
CA GLU A 198 6.00 -6.38 5.88
C GLU A 198 6.27 -5.22 6.82
N ASN A 199 6.52 -4.03 6.26
CA ASN A 199 6.84 -2.88 7.10
C ASN A 199 5.68 -2.53 8.02
N THR A 200 4.44 -2.67 7.54
CA THR A 200 3.30 -2.39 8.39
C THR A 200 3.29 -3.29 9.62
N LYS A 201 3.47 -4.61 9.40
CA LYS A 201 3.54 -5.54 10.52
C LYS A 201 4.60 -5.13 11.52
N LYS A 202 5.73 -4.64 11.03
CA LYS A 202 6.78 -4.16 11.93
C LYS A 202 6.35 -2.88 12.65
N VAL A 203 5.63 -1.99 11.95
CA VAL A 203 5.12 -0.80 12.58
C VAL A 203 4.15 -1.16 13.70
N ILE A 204 3.27 -2.13 13.46
CA ILE A 204 2.37 -2.59 14.50
C ILE A 204 3.16 -3.24 15.63
N GLN A 205 4.17 -4.04 15.27
CA GLN A 205 5.01 -4.66 16.30
C GLN A 205 5.62 -3.62 17.22
N TYR A 206 6.17 -2.54 16.65
CA TYR A 206 6.81 -1.51 17.46
C TYR A 206 5.80 -0.83 18.38
N LEU A 207 4.77 -0.20 17.80
CA LEU A 207 3.81 0.54 18.59
C LEU A 207 3.23 -0.31 19.71
N ALA A 208 2.89 -1.56 19.41
CA ALA A 208 2.30 -2.43 20.43
C ALA A 208 3.26 -2.64 21.59
N SER A 209 4.53 -2.91 21.29
CA SER A 209 5.51 -3.17 22.35
C SER A 209 5.80 -1.91 23.15
N VAL A 210 5.73 -0.74 22.51
CA VAL A 210 6.14 0.49 23.18
C VAL A 210 5.03 1.03 24.07
N ALA A 211 3.78 0.92 23.63
CA ALA A 211 2.63 1.46 24.36
C ALA A 211 1.65 0.36 24.74
N GLY A 212 2.17 -0.77 25.21
CA GLY A 212 1.37 -1.90 25.63
C GLY A 212 1.20 -1.96 27.12
N ARG A 213 1.24 -3.18 27.67
CA ARG A 213 1.16 -3.42 29.10
C ARG A 213 2.42 -4.15 29.55
N ASN A 214 3.09 -3.61 30.56
CA ASN A 214 4.30 -4.22 31.09
C ASN A 214 5.34 -4.45 30.00
N GLY A 220 0.85 -8.21 26.29
CA GLY A 220 -0.50 -8.09 26.80
C GLY A 220 -1.53 -8.73 25.90
N VAL A 221 -2.75 -8.86 26.40
CA VAL A 221 -3.81 -9.52 25.64
C VAL A 221 -4.22 -8.68 24.44
N LEU A 222 -4.71 -7.47 24.70
CA LEU A 222 -5.11 -6.58 23.61
C LEU A 222 -3.99 -6.41 22.59
N GLU A 223 -2.75 -6.24 23.08
CA GLU A 223 -1.62 -6.10 22.17
C GLU A 223 -1.39 -7.40 21.40
N GLN A 224 -1.47 -8.54 22.08
CA GLN A 224 -1.33 -9.82 21.38
C GLN A 224 -2.43 -10.00 20.35
N GLN A 225 -3.65 -9.57 20.67
CA GLN A 225 -4.77 -9.74 19.75
C GLN A 225 -4.55 -8.92 18.48
N ILE A 226 -4.17 -7.64 18.64
CA ILE A 226 -3.96 -6.78 17.48
C ILE A 226 -2.93 -7.41 16.54
N LEU A 227 -1.87 -7.99 17.10
CA LEU A 227 -0.84 -8.61 16.27
C LEU A 227 -1.40 -9.78 15.48
N GLN A 228 -2.34 -10.53 16.08
CA GLN A 228 -2.87 -11.73 15.46
C GLN A 228 -3.95 -11.46 14.42
N ALA A 229 -4.26 -10.19 14.14
CA ALA A 229 -5.28 -9.88 13.14
C ALA A 229 -4.74 -10.11 11.74
N ASN A 230 -3.54 -9.60 11.46
CA ASN A 230 -2.99 -9.70 10.11
C ASN A 230 -2.88 -11.14 9.63
N PRO A 231 -2.32 -12.07 10.42
CA PRO A 231 -2.30 -13.47 9.97
C PRO A 231 -3.65 -13.97 9.46
N ILE A 232 -4.73 -13.59 10.16
CA ILE A 232 -6.08 -13.95 9.68
C ILE A 232 -6.32 -13.33 8.31
N LEU A 233 -6.26 -12.00 8.23
CA LEU A 233 -6.52 -11.33 6.97
C LEU A 233 -5.56 -11.80 5.88
N GLU A 234 -4.28 -11.94 6.21
CA GLU A 234 -3.32 -12.41 5.22
C GLU A 234 -3.70 -13.79 4.68
N ALA A 235 -4.38 -14.60 5.49
CA ALA A 235 -4.76 -15.93 5.03
C ALA A 235 -5.88 -15.84 4.01
N PHE A 236 -6.90 -15.02 4.27
CA PHE A 236 -8.02 -14.87 3.34
C PHE A 236 -7.83 -13.72 2.36
N GLY A 237 -6.88 -12.82 2.62
CA GLY A 237 -6.77 -11.60 1.83
C GLY A 237 -5.59 -11.57 0.88
N ASN A 238 -4.54 -12.32 1.18
CA ASN A 238 -3.36 -12.35 0.34
C ASN A 238 -3.40 -13.53 -0.63
N ALA A 239 -2.56 -13.44 -1.65
CA ALA A 239 -2.48 -14.48 -2.68
C ALA A 239 -1.17 -14.29 -3.44
N LYS A 240 -0.90 -15.20 -4.36
CA LYS A 240 0.33 -15.18 -5.15
C LYS A 240 0.03 -14.60 -6.53
N THR A 241 0.55 -13.42 -6.79
CA THR A 241 0.57 -12.83 -8.13
C THR A 241 1.93 -13.08 -8.76
N THR A 242 2.00 -12.85 -10.08
CA THR A 242 3.28 -12.95 -10.77
C THR A 242 4.29 -11.95 -10.21
N ARG A 243 3.82 -10.88 -9.58
CA ARG A 243 4.70 -9.86 -9.02
C ARG A 243 5.06 -10.14 -7.57
N ASN A 244 4.31 -10.98 -6.88
CA ASN A 244 4.48 -11.14 -5.44
C ASN A 244 3.77 -12.41 -4.99
N ASN A 245 4.48 -13.27 -4.24
CA ASN A 245 3.90 -14.50 -3.74
C ASN A 245 3.04 -14.28 -2.50
N ASN A 246 3.23 -13.17 -1.79
CA ASN A 246 2.35 -12.75 -0.70
C ASN A 246 1.85 -11.36 -1.06
N SER A 247 0.80 -11.30 -1.86
CA SER A 247 0.27 -10.06 -2.40
C SER A 247 -1.05 -9.73 -1.71
N SER A 248 -1.16 -8.52 -1.18
CA SER A 248 -2.41 -8.06 -0.58
C SER A 248 -3.36 -7.68 -1.71
N ARG A 249 -4.32 -8.56 -2.00
CA ARG A 249 -5.37 -8.27 -2.96
C ARG A 249 -6.46 -7.39 -2.36
N PHE A 250 -6.20 -6.78 -1.22
CA PHE A 250 -7.12 -5.85 -0.59
C PHE A 250 -6.32 -4.76 0.10
N GLY A 251 -7.00 -3.65 0.40
CA GLY A 251 -6.38 -2.51 1.06
C GLY A 251 -6.92 -2.36 2.46
N LYS A 252 -6.05 -1.97 3.40
CA LYS A 252 -6.42 -1.88 4.80
C LYS A 252 -5.86 -0.60 5.40
N PHE A 253 -6.66 0.02 6.27
CA PHE A 253 -6.23 1.17 7.07
C PHE A 253 -6.44 0.81 8.54
N ILE A 254 -5.34 0.77 9.29
CA ILE A 254 -5.36 0.25 10.65
C ILE A 254 -5.10 1.42 11.59
N GLU A 255 -6.13 1.79 12.36
CA GLU A 255 -5.99 2.79 13.41
C GLU A 255 -5.63 2.09 14.72
N ILE A 256 -4.64 2.64 15.41
CA ILE A 256 -4.24 2.14 16.72
C ILE A 256 -4.77 3.15 17.74
N GLN A 257 -5.95 2.87 18.29
CA GLN A 257 -6.56 3.77 19.26
C GLN A 257 -5.70 3.85 20.51
N PHE A 258 -5.65 5.04 21.11
CA PHE A 258 -4.80 5.30 22.27
C PHE A 258 -5.62 5.96 23.37
N ASN A 259 -5.21 5.70 24.61
CA ASN A 259 -5.90 6.23 25.78
C ASN A 259 -5.46 7.66 26.05
N SER A 260 -6.26 8.36 26.86
CA SER A 260 -5.91 9.72 27.24
C SER A 260 -4.52 9.79 27.86
N ALA A 261 -4.14 8.77 28.63
CA ALA A 261 -2.81 8.76 29.24
C ALA A 261 -1.72 8.57 28.18
N GLY A 262 -1.93 7.64 27.24
CA GLY A 262 -0.99 7.45 26.15
C GLY A 262 -0.78 6.00 25.74
N PHE A 263 -1.44 5.06 26.42
CA PHE A 263 -1.31 3.65 26.09
C PHE A 263 -2.41 3.22 25.12
N ILE A 264 -2.17 2.08 24.46
CA ILE A 264 -3.13 1.56 23.50
C ILE A 264 -4.41 1.18 24.22
N SER A 265 -5.54 1.71 23.74
CA SER A 265 -6.85 1.39 24.28
C SER A 265 -7.69 0.53 23.37
N GLY A 266 -7.39 0.50 22.07
CA GLY A 266 -8.15 -0.32 21.15
C GLY A 266 -7.57 -0.22 19.76
N ALA A 267 -8.35 -0.66 18.78
CA ALA A 267 -7.93 -0.60 17.39
C ALA A 267 -9.15 -0.77 16.50
N SER A 268 -8.95 -0.50 15.21
CA SER A 268 -10.01 -0.63 14.23
C SER A 268 -9.37 -0.83 12.86
N ILE A 269 -9.99 -1.67 12.04
CA ILE A 269 -9.47 -2.00 10.72
C ILE A 269 -10.55 -1.73 9.68
N GLN A 270 -10.20 -0.93 8.68
CA GLN A 270 -11.06 -0.71 7.52
C GLN A 270 -10.46 -1.45 6.34
N SER A 271 -11.32 -2.10 5.55
CA SER A 271 -10.89 -2.91 4.43
C SER A 271 -11.49 -2.38 3.13
N TYR A 272 -10.75 -2.56 2.03
CA TYR A 272 -11.15 -2.04 0.74
C TYR A 272 -10.75 -3.01 -0.36
N LEU A 273 -11.56 -3.02 -1.43
CA LEU A 273 -11.21 -3.63 -2.71
C LEU A 273 -10.62 -5.03 -2.53
N LEU A 274 -11.44 -5.94 -2.03
CA LEU A 274 -11.08 -7.34 -2.04
C LEU A 274 -11.20 -7.87 -3.47
N GLU A 275 -10.12 -8.40 -4.01
CA GLU A 275 -10.14 -8.99 -5.36
C GLU A 275 -10.86 -10.33 -5.25
N LYS A 276 -12.19 -10.26 -5.24
CA LYS A 276 -13.02 -11.42 -4.93
C LYS A 276 -13.30 -12.31 -6.13
N SER A 277 -12.76 -12.00 -7.31
CA SER A 277 -12.89 -12.88 -8.47
C SER A 277 -11.67 -13.77 -8.67
N ARG A 278 -10.54 -13.46 -8.02
CA ARG A 278 -9.43 -14.40 -7.97
C ARG A 278 -9.88 -15.75 -7.43
N VAL A 279 -11.04 -15.80 -6.75
CA VAL A 279 -11.60 -17.05 -6.27
C VAL A 279 -11.96 -17.96 -7.44
N VAL A 280 -12.82 -17.47 -8.33
CA VAL A 280 -13.32 -18.30 -9.43
C VAL A 280 -12.35 -18.39 -10.59
N PHE A 281 -11.28 -17.60 -10.59
CA PHE A 281 -10.35 -17.57 -11.70
C PHE A 281 -8.98 -17.12 -11.22
N GLN A 282 -7.94 -17.70 -11.78
CA GLN A 282 -6.57 -17.32 -11.49
C GLN A 282 -5.76 -17.37 -12.77
N SER A 283 -4.99 -16.32 -13.03
CA SER A 283 -4.16 -16.28 -14.22
C SER A 283 -3.09 -17.36 -14.17
N GLU A 284 -2.58 -17.72 -15.35
CA GLU A 284 -1.55 -18.74 -15.44
C GLU A 284 -0.39 -18.41 -14.51
N THR A 285 0.02 -19.41 -13.73
CA THR A 285 1.11 -19.36 -12.77
C THR A 285 0.73 -18.62 -11.49
N GLU A 286 -0.44 -18.00 -11.42
CA GLU A 286 -0.87 -17.35 -10.19
C GLU A 286 -1.55 -18.39 -9.29
N ARG A 287 -2.17 -17.93 -8.21
CA ARG A 287 -2.69 -18.81 -7.18
C ARG A 287 -3.92 -18.17 -6.56
N ASN A 288 -4.84 -19.02 -6.10
CA ASN A 288 -5.99 -18.51 -5.37
C ASN A 288 -5.55 -18.11 -3.96
N TYR A 289 -6.47 -17.50 -3.23
CA TYR A 289 -6.16 -17.04 -1.88
C TYR A 289 -5.64 -18.18 -1.04
N HIS A 290 -4.66 -17.86 -0.18
CA HIS A 290 -3.97 -18.89 0.59
C HIS A 290 -4.94 -19.79 1.35
N ILE A 291 -6.06 -19.24 1.82
CA ILE A 291 -6.92 -19.95 2.75
C ILE A 291 -7.40 -21.28 2.17
N PHE A 292 -7.57 -21.37 0.86
CA PHE A 292 -8.08 -22.60 0.27
C PHE A 292 -7.02 -23.71 0.31
N TYR A 293 -5.76 -23.36 0.02
CA TYR A 293 -4.71 -24.37 0.02
C TYR A 293 -4.29 -24.76 1.43
N GLN A 294 -4.34 -23.82 2.37
CA GLN A 294 -4.09 -24.17 3.76
C GLN A 294 -5.08 -25.21 4.26
N LEU A 295 -6.30 -25.18 3.75
CA LEU A 295 -7.30 -26.17 4.17
C LEU A 295 -6.98 -27.55 3.62
N LEU A 296 -6.95 -27.67 2.29
CA LEU A 296 -6.75 -28.97 1.67
C LEU A 296 -5.50 -29.66 2.21
N ALA A 297 -4.38 -28.93 2.25
CA ALA A 297 -3.13 -29.43 2.82
C ALA A 297 -3.04 -28.90 4.25
N GLY A 298 -3.33 -29.78 5.21
CA GLY A 298 -3.23 -29.41 6.61
C GLY A 298 -4.54 -29.50 7.37
N ALA A 299 -5.58 -30.02 6.74
CA ALA A 299 -6.86 -30.20 7.41
C ALA A 299 -6.92 -31.58 8.07
N THR A 300 -7.60 -31.64 9.22
CA THR A 300 -7.71 -32.88 9.96
C THR A 300 -8.41 -33.94 9.11
N ALA A 301 -8.05 -35.21 9.34
CA ALA A 301 -8.68 -36.30 8.60
C ALA A 301 -10.18 -36.33 8.83
N GLU A 302 -10.65 -35.90 10.00
CA GLU A 302 -12.08 -35.85 10.26
C GLU A 302 -12.74 -34.74 9.45
N GLU A 303 -12.14 -33.54 9.46
CA GLU A 303 -12.65 -32.45 8.65
C GLU A 303 -12.55 -32.78 7.16
N LYS A 304 -11.47 -33.47 6.77
CA LYS A 304 -11.26 -33.78 5.36
C LYS A 304 -12.44 -34.54 4.77
N LYS A 305 -12.85 -35.62 5.43
CA LYS A 305 -14.01 -36.38 4.96
C LYS A 305 -15.32 -35.71 5.35
N ALA A 306 -15.33 -34.95 6.45
CA ALA A 306 -16.54 -34.25 6.84
C ALA A 306 -16.94 -33.21 5.81
N LEU A 307 -15.96 -32.51 5.24
CA LEU A 307 -16.21 -31.47 4.25
C LEU A 307 -16.06 -31.96 2.82
N HIS A 308 -15.88 -33.26 2.62
CA HIS A 308 -15.74 -33.83 1.28
C HIS A 308 -14.57 -33.21 0.53
N LEU A 309 -13.45 -33.05 1.23
CA LEU A 309 -12.28 -32.40 0.66
C LEU A 309 -11.48 -33.37 -0.20
N ALA A 310 -10.52 -32.82 -0.94
CA ALA A 310 -9.69 -33.59 -1.85
C ALA A 310 -8.40 -32.80 -2.08
N GLY A 311 -7.64 -33.17 -3.11
CA GLY A 311 -6.42 -32.48 -3.44
C GLY A 311 -6.70 -31.22 -4.23
N PRO A 312 -5.79 -30.24 -4.16
CA PRO A 312 -5.96 -29.03 -4.98
C PRO A 312 -6.27 -29.30 -6.43
N GLU A 313 -5.64 -30.32 -7.02
CA GLU A 313 -5.81 -30.58 -8.45
C GLU A 313 -7.19 -31.12 -8.80
N SER A 314 -8.00 -31.45 -7.81
CA SER A 314 -9.31 -32.04 -8.02
C SER A 314 -10.44 -31.01 -7.93
N PHE A 315 -10.11 -29.73 -7.86
CA PHE A 315 -11.09 -28.65 -7.77
C PHE A 315 -10.91 -27.67 -8.91
N ASN A 316 -12.02 -27.28 -9.54
CA ASN A 316 -11.96 -26.45 -10.73
C ASN A 316 -11.54 -25.02 -10.43
N TYR A 317 -11.62 -24.59 -9.18
CA TYR A 317 -11.20 -23.25 -8.80
C TYR A 317 -9.75 -23.18 -8.35
N LEU A 318 -9.03 -24.31 -8.33
CA LEU A 318 -7.65 -24.35 -7.89
C LEU A 318 -6.70 -25.01 -8.88
N ASN A 319 -7.20 -25.82 -9.82
CA ASN A 319 -6.36 -26.57 -10.74
C ASN A 319 -6.16 -25.87 -12.08
N GLN A 320 -6.71 -24.67 -12.25
CA GLN A 320 -6.62 -23.98 -13.54
C GLN A 320 -5.35 -23.15 -13.68
N SER A 321 -4.81 -22.63 -12.58
CA SER A 321 -3.64 -21.77 -12.66
C SER A 321 -2.38 -22.52 -13.07
N GLY A 322 -2.36 -23.84 -12.91
CA GLY A 322 -1.14 -24.59 -13.13
C GLY A 322 -0.15 -24.49 -12.00
N CYS A 323 -0.52 -23.89 -10.88
CA CYS A 323 0.35 -23.73 -9.72
C CYS A 323 -0.48 -23.84 -8.46
N VAL A 324 -0.14 -24.78 -7.59
CA VAL A 324 -0.81 -24.98 -6.31
C VAL A 324 0.15 -24.87 -5.14
N ASP A 325 1.41 -24.53 -5.40
CA ASP A 325 2.44 -24.56 -4.37
C ASP A 325 3.37 -23.37 -4.53
N ILE A 326 3.70 -22.74 -3.41
CA ILE A 326 4.56 -21.56 -3.38
C ILE A 326 5.93 -21.98 -2.86
N LYS A 327 6.97 -21.35 -3.40
CA LYS A 327 8.33 -21.68 -3.01
C LYS A 327 8.56 -21.37 -1.53
N GLY A 328 9.04 -22.36 -0.79
CA GLY A 328 9.39 -22.15 0.60
C GLY A 328 8.23 -21.83 1.50
N VAL A 329 7.03 -22.28 1.17
CA VAL A 329 5.84 -22.07 1.99
C VAL A 329 5.19 -23.41 2.25
N SER A 330 4.80 -23.65 3.50
CA SER A 330 4.15 -24.89 3.91
C SER A 330 2.71 -24.56 4.29
N ASP A 331 1.80 -24.73 3.32
CA ASP A 331 0.39 -24.46 3.59
C ASP A 331 -0.12 -25.29 4.76
N SER A 332 0.37 -26.53 4.88
CA SER A 332 0.01 -27.34 6.05
C SER A 332 0.41 -26.63 7.33
N GLU A 333 1.64 -26.10 7.39
CA GLU A 333 2.08 -25.36 8.56
C GLU A 333 1.37 -24.02 8.65
N GLU A 334 1.16 -23.36 7.52
CA GLU A 334 0.45 -22.08 7.55
C GLU A 334 -0.97 -22.26 8.06
N PHE A 335 -1.62 -23.36 7.66
CA PHE A 335 -2.96 -23.63 8.15
C PHE A 335 -2.99 -23.64 9.68
N LYS A 336 -1.97 -24.22 10.31
CA LYS A 336 -1.85 -24.12 11.76
C LYS A 336 -1.89 -22.65 12.20
N ILE A 337 -1.01 -21.83 11.62
CA ILE A 337 -0.87 -20.46 12.07
C ILE A 337 -2.18 -19.70 11.95
N THR A 338 -2.91 -19.91 10.84
CA THR A 338 -4.14 -19.16 10.61
C THR A 338 -5.14 -19.41 11.74
N ARG A 339 -5.29 -20.66 12.18
CA ARG A 339 -6.26 -20.96 13.23
C ARG A 339 -5.69 -20.73 14.63
N GLN A 340 -4.36 -20.71 14.78
CA GLN A 340 -3.79 -20.23 16.04
C GLN A 340 -4.22 -18.79 16.30
N ALA A 341 -4.22 -17.95 15.25
CA ALA A 341 -4.60 -16.56 15.43
C ALA A 341 -6.08 -16.39 15.68
N MET A 342 -6.91 -17.26 15.09
CA MET A 342 -8.36 -17.15 15.31
C MET A 342 -8.73 -17.47 16.75
N ASP A 343 -8.02 -18.42 17.37
CA ASP A 343 -8.28 -18.71 18.79
C ASP A 343 -7.97 -17.50 19.66
N ILE A 344 -6.92 -16.75 19.32
CA ILE A 344 -6.44 -15.70 20.19
C ILE A 344 -7.43 -14.53 20.23
N VAL A 345 -8.03 -14.20 19.09
CA VAL A 345 -8.98 -13.08 19.07
C VAL A 345 -10.34 -13.52 19.60
N GLY A 346 -10.69 -14.80 19.45
CA GLY A 346 -11.88 -15.33 20.08
C GLY A 346 -12.94 -15.88 19.14
N PHE A 347 -12.53 -16.39 17.97
CA PHE A 347 -13.49 -17.07 17.11
C PHE A 347 -13.86 -18.42 17.71
N SER A 348 -15.16 -18.64 17.89
CA SER A 348 -15.63 -19.85 18.55
C SER A 348 -15.14 -21.09 17.82
N GLN A 349 -15.04 -22.19 18.58
CA GLN A 349 -14.73 -23.49 17.97
C GLN A 349 -15.68 -23.78 16.81
N GLU A 350 -16.93 -23.37 16.93
CA GLU A 350 -17.90 -23.57 15.86
C GLU A 350 -17.72 -22.55 14.75
N GLU A 351 -17.53 -21.27 15.11
CA GLU A 351 -17.33 -20.24 14.10
C GLU A 351 -16.22 -20.62 13.13
N GLN A 352 -15.12 -21.15 13.65
CA GLN A 352 -14.03 -21.58 12.77
C GLN A 352 -14.49 -22.71 11.85
N MET A 353 -15.12 -23.74 12.42
CA MET A 353 -15.57 -24.85 11.60
C MET A 353 -16.54 -24.38 10.53
N SER A 354 -17.39 -23.40 10.85
CA SER A 354 -18.31 -22.85 9.85
C SER A 354 -17.54 -22.21 8.71
N ILE A 355 -16.44 -21.52 9.02
CA ILE A 355 -15.64 -20.87 7.98
C ILE A 355 -15.07 -21.92 7.03
N PHE A 356 -14.33 -22.89 7.57
CA PHE A 356 -13.86 -23.99 6.74
C PHE A 356 -15.02 -24.63 6.00
N LYS A 357 -16.20 -24.70 6.63
CA LYS A 357 -17.36 -25.27 5.96
C LYS A 357 -17.72 -24.46 4.72
N ILE A 358 -17.61 -23.14 4.80
CA ILE A 358 -17.90 -22.28 3.66
C ILE A 358 -16.84 -22.45 2.58
N ILE A 359 -15.57 -22.53 2.98
CA ILE A 359 -14.49 -22.68 2.00
C ILE A 359 -14.70 -23.94 1.18
N ALA A 360 -14.90 -25.07 1.85
CA ALA A 360 -15.18 -26.31 1.14
C ALA A 360 -16.38 -26.15 0.21
N GLY A 361 -17.48 -25.59 0.73
CA GLY A 361 -18.65 -25.36 -0.10
C GLY A 361 -18.34 -24.55 -1.33
N ILE A 362 -17.50 -23.52 -1.19
CA ILE A 362 -17.12 -22.72 -2.34
C ILE A 362 -16.33 -23.55 -3.34
N LEU A 363 -15.41 -24.39 -2.84
CA LEU A 363 -14.63 -25.23 -3.73
C LEU A 363 -15.53 -26.19 -4.51
N HIS A 364 -16.53 -26.75 -3.84
CA HIS A 364 -17.45 -27.66 -4.52
C HIS A 364 -18.25 -26.94 -5.59
N LEU A 365 -18.73 -25.73 -5.30
CA LEU A 365 -19.52 -24.99 -6.27
C LEU A 365 -18.79 -24.87 -7.60
N GLY A 366 -17.49 -24.60 -7.57
CA GLY A 366 -16.74 -24.44 -8.81
C GLY A 366 -16.73 -25.69 -9.66
N ASN A 367 -16.91 -26.86 -9.03
CA ASN A 367 -16.91 -28.12 -9.75
C ASN A 367 -18.27 -28.47 -10.35
N ILE A 368 -19.30 -27.66 -10.09
CA ILE A 368 -20.57 -27.86 -10.78
C ILE A 368 -20.36 -27.67 -12.27
N LYS A 369 -20.79 -28.66 -13.06
CA LYS A 369 -20.60 -28.66 -14.51
C LYS A 369 -21.97 -28.61 -15.18
N PHE A 370 -22.43 -27.41 -15.49
CA PHE A 370 -23.68 -27.25 -16.24
C PHE A 370 -23.49 -27.72 -17.68
N GLU A 371 -24.59 -28.17 -18.28
CA GLU A 371 -24.55 -28.64 -19.66
C GLU A 371 -25.91 -28.45 -20.30
N LYS A 372 -25.89 -28.26 -21.63
CA LYS A 372 -27.11 -28.04 -22.39
C LYS A 372 -27.88 -29.35 -22.51
N GLY A 373 -28.85 -29.56 -21.62
CA GLY A 373 -29.63 -30.77 -21.64
C GLY A 373 -30.54 -30.85 -22.84
N ALA A 374 -31.47 -29.90 -22.96
CA ALA A 374 -32.43 -29.88 -24.04
C ALA A 374 -32.29 -28.66 -24.95
N GLY A 375 -31.39 -27.74 -24.63
CA GLY A 375 -31.14 -26.59 -25.48
C GLY A 375 -31.74 -25.30 -24.94
N GLU A 376 -32.95 -25.36 -24.41
CA GLU A 376 -33.61 -24.15 -23.92
C GLU A 376 -32.77 -23.50 -22.83
N GLY A 377 -32.20 -24.29 -21.94
CA GLY A 377 -31.41 -23.77 -20.84
C GLY A 377 -30.49 -24.84 -20.29
N ALA A 378 -29.76 -24.47 -19.25
CA ALA A 378 -28.81 -25.38 -18.65
C ALA A 378 -29.53 -26.56 -18.00
N VAL A 379 -28.80 -27.66 -17.87
CA VAL A 379 -29.26 -28.85 -17.17
C VAL A 379 -28.08 -29.43 -16.39
N LEU A 380 -28.33 -29.82 -15.15
CA LEU A 380 -27.30 -30.31 -14.24
C LEU A 380 -27.48 -31.83 -14.09
N LYS A 381 -26.78 -32.58 -14.94
CA LYS A 381 -26.87 -34.04 -14.88
C LYS A 381 -26.23 -34.58 -13.60
N ASP A 382 -24.94 -34.33 -13.42
CA ASP A 382 -24.22 -34.81 -12.24
C ASP A 382 -24.43 -33.84 -11.09
N LYS A 383 -24.94 -34.34 -9.97
CA LYS A 383 -25.25 -33.53 -8.81
C LYS A 383 -24.36 -33.84 -7.61
N THR A 384 -23.34 -34.69 -7.79
CA THR A 384 -22.46 -35.03 -6.68
C THR A 384 -21.79 -33.80 -6.11
N ALA A 385 -21.41 -32.85 -6.97
CA ALA A 385 -20.78 -31.62 -6.51
C ALA A 385 -21.79 -30.66 -5.93
N LEU A 386 -22.98 -30.58 -6.52
CA LEU A 386 -24.03 -29.72 -5.99
C LEU A 386 -24.38 -30.12 -4.56
N ASN A 387 -24.60 -31.42 -4.33
CA ASN A 387 -25.03 -31.86 -3.01
C ASN A 387 -23.90 -31.74 -1.99
N ALA A 388 -22.66 -32.04 -2.40
CA ALA A 388 -21.53 -31.85 -1.50
C ALA A 388 -21.40 -30.40 -1.06
N ALA A 389 -21.77 -29.47 -1.93
CA ALA A 389 -21.78 -28.06 -1.54
C ALA A 389 -23.01 -27.73 -0.71
N SER A 390 -24.15 -28.31 -1.05
CA SER A 390 -25.36 -28.07 -0.25
C SER A 390 -25.22 -28.65 1.15
N THR A 391 -24.63 -29.84 1.27
CA THR A 391 -24.48 -30.47 2.58
C THR A 391 -23.76 -29.54 3.55
N VAL A 392 -22.61 -29.00 3.12
CA VAL A 392 -21.85 -28.10 4.00
C VAL A 392 -22.67 -26.85 4.31
N PHE A 393 -23.03 -26.08 3.28
CA PHE A 393 -23.73 -24.83 3.51
C PHE A 393 -25.01 -25.01 4.32
N GLY A 394 -25.58 -26.21 4.33
CA GLY A 394 -26.82 -26.44 5.03
C GLY A 394 -27.98 -25.79 4.32
N VAL A 395 -28.08 -26.03 3.01
CA VAL A 395 -29.16 -25.51 2.19
C VAL A 395 -29.78 -26.66 1.43
N ASN A 396 -31.07 -26.55 1.16
CA ASN A 396 -31.78 -27.56 0.39
C ASN A 396 -31.19 -27.64 -1.02
N PRO A 397 -30.58 -28.76 -1.42
CA PRO A 397 -29.92 -28.79 -2.73
C PRO A 397 -30.85 -28.50 -3.90
N SER A 398 -32.14 -28.78 -3.75
CA SER A 398 -33.07 -28.52 -4.86
C SER A 398 -33.47 -27.05 -4.93
N VAL A 399 -33.57 -26.37 -3.80
CA VAL A 399 -33.80 -24.93 -3.82
C VAL A 399 -32.61 -24.23 -4.48
N LEU A 400 -31.40 -24.64 -4.11
CA LEU A 400 -30.20 -24.07 -4.72
C LEU A 400 -30.15 -24.35 -6.22
N GLU A 401 -30.46 -25.60 -6.60
CA GLU A 401 -30.42 -25.96 -8.02
C GLU A 401 -31.37 -25.09 -8.84
N LYS A 402 -32.57 -24.82 -8.30
CA LYS A 402 -33.53 -24.00 -9.04
C LYS A 402 -33.15 -22.53 -9.01
N ALA A 403 -32.56 -22.05 -7.91
CA ALA A 403 -32.14 -20.67 -7.83
C ALA A 403 -30.90 -20.39 -8.67
N LEU A 404 -30.12 -21.42 -9.01
CA LEU A 404 -28.97 -21.24 -9.89
C LEU A 404 -29.36 -21.28 -11.35
N MET A 405 -30.40 -22.04 -11.70
CA MET A 405 -30.74 -22.31 -13.08
C MET A 405 -32.13 -21.83 -13.49
N GLU A 406 -33.05 -21.67 -12.55
CA GLU A 406 -34.40 -21.19 -12.84
C GLU A 406 -34.81 -20.15 -11.80
N PRO A 407 -34.03 -19.09 -11.65
CA PRO A 407 -34.39 -18.04 -10.69
C PRO A 407 -35.62 -17.28 -11.16
N ARG A 408 -36.27 -16.63 -10.20
CA ARG A 408 -37.52 -15.92 -10.44
C ARG A 408 -37.28 -14.41 -10.43
N ILE A 409 -38.08 -13.69 -11.21
CA ILE A 409 -37.97 -12.24 -11.35
C ILE A 409 -39.36 -11.65 -11.52
N LEU A 410 -39.45 -10.34 -11.29
CA LEU A 410 -40.72 -9.62 -11.43
C LEU A 410 -40.79 -9.01 -12.83
N ALA A 411 -41.57 -9.63 -13.69
CA ALA A 411 -41.87 -9.07 -15.02
C ALA A 411 -43.11 -8.19 -14.86
N GLY A 412 -42.89 -6.89 -14.74
CA GLY A 412 -43.96 -6.01 -14.34
C GLY A 412 -44.25 -6.21 -12.87
N ARG A 413 -45.38 -6.84 -12.56
CA ARG A 413 -45.65 -7.31 -11.21
C ARG A 413 -45.86 -8.82 -11.18
N ASP A 414 -45.79 -9.49 -12.33
CA ASP A 414 -45.91 -10.94 -12.40
C ASP A 414 -44.64 -11.60 -11.87
N LEU A 415 -44.65 -12.93 -11.85
CA LEU A 415 -43.51 -13.71 -11.38
C LEU A 415 -43.16 -14.74 -12.45
N VAL A 416 -41.92 -14.69 -12.95
CA VAL A 416 -41.48 -15.50 -14.07
C VAL A 416 -40.16 -16.17 -13.72
N ALA A 417 -40.01 -17.42 -14.14
CA ALA A 417 -38.78 -18.18 -13.95
C ALA A 417 -37.92 -18.08 -15.22
N GLN A 418 -36.65 -17.73 -15.04
CA GLN A 418 -35.72 -17.54 -16.15
C GLN A 418 -34.93 -18.83 -16.34
N HIS A 419 -35.17 -19.51 -17.47
CA HIS A 419 -34.50 -20.78 -17.78
C HIS A 419 -33.13 -20.47 -18.35
N LEU A 420 -32.21 -20.13 -17.44
CA LEU A 420 -30.88 -19.70 -17.84
C LEU A 420 -30.16 -20.82 -18.60
N ASN A 421 -29.28 -20.41 -19.50
CA ASN A 421 -28.50 -21.35 -20.30
C ASN A 421 -27.20 -21.69 -19.56
N VAL A 422 -26.28 -22.35 -20.26
CA VAL A 422 -25.05 -22.80 -19.62
C VAL A 422 -24.18 -21.61 -19.23
N GLU A 423 -23.92 -20.71 -20.19
CA GLU A 423 -23.03 -19.58 -19.91
C GLU A 423 -23.64 -18.64 -18.87
N LYS A 424 -24.97 -18.51 -18.84
CA LYS A 424 -25.61 -17.62 -17.88
C LYS A 424 -25.85 -18.28 -16.54
N SER A 425 -25.94 -19.61 -16.50
CA SER A 425 -26.05 -20.31 -15.22
C SER A 425 -24.70 -20.39 -14.52
N SER A 426 -23.64 -20.69 -15.26
CA SER A 426 -22.31 -20.78 -14.68
C SER A 426 -21.81 -19.44 -14.15
N SER A 427 -22.34 -18.33 -14.65
CA SER A 427 -21.95 -17.03 -14.13
C SER A 427 -22.67 -16.73 -12.81
N SER A 428 -23.99 -16.95 -12.77
CA SER A 428 -24.72 -16.78 -11.52
C SER A 428 -24.10 -17.62 -10.42
N ARG A 429 -23.63 -18.82 -10.76
CA ARG A 429 -22.82 -19.61 -9.83
C ARG A 429 -21.69 -18.76 -9.26
N ASP A 430 -20.86 -18.21 -10.15
CA ASP A 430 -19.72 -17.40 -9.69
C ASP A 430 -20.19 -16.17 -8.92
N ALA A 431 -21.23 -15.50 -9.42
CA ALA A 431 -21.78 -14.36 -8.69
C ALA A 431 -22.07 -14.73 -7.24
N LEU A 432 -22.63 -15.92 -7.02
CA LEU A 432 -22.82 -16.40 -5.65
C LEU A 432 -21.48 -16.60 -4.95
N VAL A 433 -20.58 -17.38 -5.57
CA VAL A 433 -19.28 -17.66 -4.96
C VAL A 433 -18.62 -16.37 -4.50
N LYS A 434 -18.47 -15.42 -5.42
CA LYS A 434 -17.81 -14.17 -5.08
C LYS A 434 -18.56 -13.43 -3.99
N ALA A 435 -19.90 -13.47 -4.03
CA ALA A 435 -20.69 -12.82 -2.99
C ALA A 435 -20.41 -13.43 -1.63
N LEU A 436 -20.45 -14.77 -1.55
CA LEU A 436 -20.19 -15.45 -0.29
C LEU A 436 -18.88 -15.00 0.33
N TYR A 437 -17.78 -15.14 -0.43
CA TYR A 437 -16.46 -14.84 0.12
C TYR A 437 -16.32 -13.35 0.43
N GLY A 438 -16.76 -12.49 -0.49
CA GLY A 438 -16.77 -11.07 -0.20
C GLY A 438 -17.44 -10.76 1.13
N ARG A 439 -18.60 -11.36 1.36
CA ARG A 439 -19.30 -11.16 2.63
C ARG A 439 -18.60 -11.87 3.78
N LEU A 440 -18.16 -13.11 3.55
CA LEU A 440 -17.35 -13.81 4.55
C LEU A 440 -16.21 -12.92 5.02
N PHE A 441 -15.42 -12.41 4.08
CA PHE A 441 -14.32 -11.50 4.44
C PHE A 441 -14.85 -10.32 5.24
N LEU A 442 -15.93 -9.70 4.79
CA LEU A 442 -16.51 -8.58 5.52
C LEU A 442 -16.87 -9.00 6.94
N TRP A 443 -17.35 -10.22 7.12
CA TRP A 443 -17.73 -10.69 8.45
C TRP A 443 -16.51 -10.84 9.35
N LEU A 444 -15.42 -11.39 8.82
CA LEU A 444 -14.21 -11.57 9.63
C LEU A 444 -13.76 -10.24 10.23
N VAL A 445 -13.62 -9.21 9.39
CA VAL A 445 -13.18 -7.91 9.89
C VAL A 445 -14.15 -7.39 10.94
N LYS A 446 -15.45 -7.57 10.72
CA LYS A 446 -16.43 -7.13 11.70
C LYS A 446 -16.24 -7.88 13.02
N LYS A 447 -16.01 -9.19 12.95
CA LYS A 447 -15.76 -9.95 14.17
C LYS A 447 -14.46 -9.52 14.85
N ILE A 448 -13.50 -9.03 14.07
CA ILE A 448 -12.24 -8.58 14.63
C ILE A 448 -12.39 -7.20 15.27
N ASN A 449 -13.05 -6.27 14.57
CA ASN A 449 -13.23 -4.93 15.11
C ASN A 449 -14.08 -4.95 16.38
N ASN A 450 -15.00 -5.92 16.49
CA ASN A 450 -15.86 -5.98 17.66
C ASN A 450 -15.06 -6.22 18.94
N VAL A 451 -13.96 -6.96 18.84
CA VAL A 451 -13.13 -7.25 20.01
C VAL A 451 -12.00 -6.25 20.21
N LEU A 452 -11.67 -5.47 19.18
CA LEU A 452 -10.58 -4.51 19.27
C LEU A 452 -11.06 -3.09 19.55
N CYS A 453 -12.28 -2.74 19.16
CA CYS A 453 -12.84 -1.42 19.45
C CYS A 453 -13.41 -1.41 20.87
N GLN A 454 -12.50 -1.45 21.84
CA GLN A 454 -12.91 -1.42 23.24
C GLN A 454 -13.58 -0.10 23.58
N GLU A 455 -13.11 1.01 23.01
CA GLU A 455 -13.67 2.31 23.30
C GLU A 455 -13.29 3.29 22.20
N ARG A 456 -14.12 4.30 22.02
CA ARG A 456 -13.74 5.46 21.22
C ARG A 456 -12.68 6.25 22.00
N LYS A 457 -11.43 6.17 21.57
CA LYS A 457 -10.31 6.65 22.35
C LYS A 457 -9.96 8.10 21.99
N ALA A 458 -8.92 8.62 22.64
CA ALA A 458 -8.52 10.01 22.43
C ALA A 458 -7.67 10.17 21.19
N TYR A 459 -6.52 9.50 21.15
CA TYR A 459 -5.60 9.58 20.04
C TYR A 459 -5.63 8.28 19.23
N PHE A 460 -5.00 8.32 18.06
CA PHE A 460 -5.03 7.20 17.13
C PHE A 460 -3.95 7.41 16.08
N ILE A 461 -3.34 6.31 15.66
CA ILE A 461 -2.26 6.32 14.68
C ILE A 461 -2.67 5.38 13.55
N GLY A 462 -2.93 5.95 12.36
CA GLY A 462 -3.32 5.15 11.23
C GLY A 462 -2.12 4.59 10.48
N VAL A 463 -2.28 3.38 9.97
CA VAL A 463 -1.25 2.70 9.17
C VAL A 463 -1.91 2.22 7.89
N LEU A 464 -1.37 2.65 6.76
CA LEU A 464 -2.00 2.45 5.45
C LEU A 464 -1.21 1.43 4.64
N ASP A 465 -1.67 0.18 4.68
CA ASP A 465 -1.20 -0.86 3.77
C ASP A 465 -2.26 -1.06 2.70
N ILE A 466 -1.87 -0.88 1.44
CA ILE A 466 -2.80 -0.98 0.32
C ILE A 466 -2.21 -1.89 -0.74
N SER A 467 -3.10 -2.51 -1.51
CA SER A 467 -2.66 -3.20 -2.72
C SER A 467 -1.98 -2.18 -3.63
N GLY A 468 -0.83 -2.57 -4.18
CA GLY A 468 0.08 -1.62 -4.78
C GLY A 468 -0.01 -1.59 -6.29
N PHE A 469 0.48 -0.49 -6.86
CA PHE A 469 0.46 -0.29 -8.29
C PHE A 469 1.08 -1.50 -8.98
N GLU A 470 0.38 -2.00 -10.00
CA GLU A 470 0.79 -3.22 -10.68
C GLU A 470 0.29 -3.18 -12.10
N ILE A 471 1.01 -3.88 -12.99
CA ILE A 471 0.67 -3.94 -14.40
C ILE A 471 0.82 -5.40 -14.83
N PHE A 472 -0.30 -6.05 -15.14
CA PHE A 472 -0.30 -7.42 -15.60
C PHE A 472 -0.55 -7.47 -17.11
N LYS A 473 -0.36 -8.66 -17.68
CA LYS A 473 -0.59 -8.83 -19.11
C LYS A 473 -2.03 -8.53 -19.47
N VAL A 474 -2.96 -8.85 -18.57
CA VAL A 474 -4.38 -8.54 -18.74
C VAL A 474 -4.79 -7.68 -17.55
N ASN A 475 -4.98 -6.39 -17.80
CA ASN A 475 -5.38 -5.45 -16.77
C ASN A 475 -6.89 -5.26 -16.81
N SER A 476 -7.51 -5.16 -15.64
CA SER A 476 -8.95 -5.17 -15.54
C SER A 476 -9.40 -4.09 -14.57
N PHE A 477 -10.67 -4.15 -14.19
CA PHE A 477 -11.26 -3.15 -13.30
C PHE A 477 -10.51 -3.07 -11.98
N GLU A 478 -10.28 -4.23 -11.34
CA GLU A 478 -9.58 -4.25 -10.07
C GLU A 478 -8.25 -3.49 -10.16
N GLN A 479 -7.54 -3.65 -11.27
CA GLN A 479 -6.27 -2.95 -11.43
C GLN A 479 -6.47 -1.43 -11.50
N LEU A 480 -7.51 -0.98 -12.21
CA LEU A 480 -7.77 0.45 -12.30
C LEU A 480 -8.01 1.04 -10.92
N CYS A 481 -8.86 0.38 -10.11
CA CYS A 481 -9.16 0.90 -8.79
C CYS A 481 -7.92 0.87 -7.90
N ILE A 482 -7.07 -0.14 -8.05
CA ILE A 482 -5.81 -0.17 -7.33
C ILE A 482 -4.94 1.02 -7.76
N ASN A 483 -4.61 1.08 -9.05
CA ASN A 483 -3.76 2.14 -9.54
C ASN A 483 -4.36 3.51 -9.26
N TYR A 484 -5.67 3.65 -9.44
CA TYR A 484 -6.35 4.88 -9.05
C TYR A 484 -6.05 5.22 -7.59
N THR A 485 -6.02 4.21 -6.73
CA THR A 485 -5.67 4.44 -5.33
C THR A 485 -4.21 4.85 -5.21
N ASN A 486 -3.30 4.09 -5.82
CA ASN A 486 -1.88 4.43 -5.78
C ASN A 486 -1.64 5.83 -6.35
N GLU A 487 -2.37 6.18 -7.42
CA GLU A 487 -2.26 7.52 -7.98
C GLU A 487 -2.73 8.56 -6.97
N LYS A 488 -3.93 8.37 -6.42
CA LYS A 488 -4.45 9.28 -5.42
C LYS A 488 -3.49 9.42 -4.25
N LEU A 489 -2.84 8.33 -3.86
CA LEU A 489 -1.90 8.37 -2.75
C LEU A 489 -0.66 9.20 -3.12
N GLN A 490 -0.18 9.06 -4.35
CA GLN A 490 1.03 9.80 -4.76
C GLN A 490 0.77 11.30 -4.71
N GLN A 491 -0.33 11.75 -5.30
CA GLN A 491 -0.66 13.17 -5.26
C GLN A 491 -0.71 13.68 -3.83
N PHE A 492 -1.18 12.85 -2.91
CA PHE A 492 -1.19 13.20 -1.49
C PHE A 492 0.23 13.45 -1.01
N PHE A 493 1.17 12.58 -1.37
CA PHE A 493 2.57 12.85 -1.07
C PHE A 493 3.01 14.18 -1.65
N ASN A 494 2.56 14.50 -2.87
CA ASN A 494 2.94 15.76 -3.50
C ASN A 494 2.34 16.95 -2.76
N HIS A 495 1.09 16.81 -2.30
CA HIS A 495 0.39 17.96 -1.73
C HIS A 495 1.03 18.40 -0.42
N HIS A 496 1.46 17.45 0.41
CA HIS A 496 2.01 17.77 1.72
C HIS A 496 3.51 18.03 1.70
N MET A 497 4.23 17.51 0.72
CA MET A 497 5.67 17.72 0.63
C MET A 497 6.03 18.95 -0.20
N PHE A 498 5.24 19.25 -1.23
CA PHE A 498 5.56 20.31 -2.17
C PHE A 498 4.58 21.47 -2.09
N LYS A 499 3.28 21.22 -2.25
CA LYS A 499 2.31 22.31 -2.29
C LYS A 499 2.10 22.91 -0.90
N LEU A 500 1.69 22.10 0.06
CA LEU A 500 1.38 22.63 1.38
C LEU A 500 2.61 23.13 2.12
N GLU A 501 3.78 22.57 1.81
CA GLU A 501 5.00 22.98 2.51
C GLU A 501 5.34 24.43 2.19
N GLN A 502 5.32 24.80 0.91
CA GLN A 502 5.66 26.16 0.54
C GLN A 502 4.56 27.14 0.92
N GLU A 503 3.30 26.70 0.94
CA GLU A 503 2.23 27.58 1.39
C GLU A 503 2.42 27.99 2.84
N GLU A 504 2.96 27.09 3.66
CA GLU A 504 3.30 27.46 5.03
C GLU A 504 4.34 28.56 5.06
N TYR A 505 5.37 28.45 4.22
CA TYR A 505 6.38 29.49 4.13
C TYR A 505 5.74 30.84 3.82
N LEU A 506 5.05 30.93 2.68
CA LEU A 506 4.40 32.18 2.31
C LEU A 506 3.34 32.58 3.32
N LYS A 507 2.69 31.60 3.96
CA LYS A 507 1.69 31.91 4.99
C LYS A 507 2.31 32.62 6.18
N GLU A 508 3.62 32.46 6.40
CA GLU A 508 4.32 33.12 7.49
C GLU A 508 5.18 34.29 7.02
N LYS A 509 4.98 34.76 5.79
CA LYS A 509 5.71 35.90 5.25
C LYS A 509 7.21 35.76 5.49
N ILE A 510 7.78 34.71 4.90
CA ILE A 510 9.17 34.35 5.12
C ILE A 510 10.02 34.64 3.87
N ASN A 511 9.49 35.41 2.92
CA ASN A 511 10.23 35.79 1.71
C ASN A 511 10.70 34.55 0.96
N TRP A 512 9.73 33.76 0.52
CA TRP A 512 9.97 32.54 -0.22
C TRP A 512 9.46 32.68 -1.65
N THR A 513 10.20 32.11 -2.59
CA THR A 513 9.79 32.07 -4.00
C THR A 513 9.28 30.67 -4.31
N PHE A 514 8.04 30.59 -4.79
CA PHE A 514 7.43 29.29 -5.03
C PHE A 514 8.26 28.48 -6.02
N ILE A 515 8.29 27.17 -5.81
CA ILE A 515 9.01 26.24 -6.66
C ILE A 515 8.02 25.21 -7.19
N ASP A 516 8.01 25.03 -8.51
CA ASP A 516 7.19 24.02 -9.16
C ASP A 516 8.09 22.83 -9.46
N PHE A 517 7.97 21.79 -8.64
CA PHE A 517 8.74 20.57 -8.82
C PHE A 517 8.20 19.68 -9.93
N GLY A 518 7.17 20.14 -10.65
CA GLY A 518 6.67 19.41 -11.79
C GLY A 518 5.98 18.10 -11.47
N LEU A 519 5.68 17.83 -10.20
CA LEU A 519 5.03 16.60 -9.79
C LEU A 519 3.57 16.91 -9.50
N ASP A 520 2.70 16.51 -10.42
CA ASP A 520 1.26 16.70 -10.24
C ASP A 520 0.52 15.72 -11.13
N SER A 521 -0.25 14.82 -10.52
CA SER A 521 -1.04 13.84 -11.25
C SER A 521 -2.53 14.09 -11.10
N GLN A 522 -2.93 15.24 -10.56
CA GLN A 522 -4.35 15.54 -10.41
C GLN A 522 -5.09 15.44 -11.74
N ALA A 523 -4.38 15.52 -12.86
CA ALA A 523 -5.01 15.34 -14.17
C ALA A 523 -5.46 13.89 -14.35
N THR A 524 -4.56 12.93 -14.10
CA THR A 524 -4.92 11.53 -14.25
C THR A 524 -6.02 11.14 -13.28
N ILE A 525 -5.97 11.65 -12.04
CA ILE A 525 -7.06 11.42 -11.10
C ILE A 525 -8.38 11.88 -11.70
N ASP A 526 -8.43 13.14 -12.13
CA ASP A 526 -9.66 13.69 -12.70
C ASP A 526 -10.19 12.81 -13.82
N LEU A 527 -9.31 12.37 -14.71
CA LEU A 527 -9.74 11.50 -15.81
C LEU A 527 -10.51 10.30 -15.28
N ILE A 528 -10.05 9.73 -14.16
CA ILE A 528 -10.69 8.53 -13.62
C ILE A 528 -11.94 8.89 -12.85
N ASP A 529 -11.80 9.72 -11.81
CA ASP A 529 -12.89 9.99 -10.89
C ASP A 529 -13.58 11.33 -11.13
N GLY A 530 -13.16 12.09 -12.15
CA GLY A 530 -13.80 13.36 -12.43
C GLY A 530 -15.29 13.23 -12.62
N ARG A 531 -16.06 14.08 -11.93
CA ARG A 531 -17.52 14.02 -12.01
C ARG A 531 -18.03 14.90 -13.15
N GLN A 532 -17.71 16.19 -13.11
CA GLN A 532 -18.05 17.12 -14.18
C GLN A 532 -16.79 17.90 -14.53
N PRO A 533 -16.15 17.64 -15.68
CA PRO A 533 -16.54 16.69 -16.74
C PRO A 533 -16.60 15.24 -16.27
N PRO A 534 -17.37 14.41 -16.97
CA PRO A 534 -17.47 12.99 -16.57
C PRO A 534 -16.14 12.27 -16.68
N GLY A 535 -15.69 11.71 -15.56
CA GLY A 535 -14.52 10.85 -15.55
C GLY A 535 -14.86 9.46 -16.04
N ILE A 536 -13.84 8.60 -16.06
CA ILE A 536 -14.04 7.23 -16.52
C ILE A 536 -15.10 6.53 -15.68
N LEU A 537 -14.98 6.62 -14.36
CA LEU A 537 -15.93 5.97 -13.48
C LEU A 537 -17.33 6.57 -13.63
N ALA A 538 -17.42 7.85 -13.96
CA ALA A 538 -18.72 8.50 -14.08
C ALA A 538 -19.47 7.97 -15.30
N LEU A 539 -18.76 7.69 -16.39
CA LEU A 539 -19.41 7.11 -17.57
C LEU A 539 -19.84 5.68 -17.29
N LEU A 540 -18.97 4.88 -16.67
CA LEU A 540 -19.32 3.50 -16.33
C LEU A 540 -20.62 3.44 -15.55
N ASP A 541 -20.81 4.37 -14.61
CA ASP A 541 -22.06 4.41 -13.86
C ASP A 541 -23.25 4.68 -14.78
N GLU A 542 -23.09 5.60 -15.72
CA GLU A 542 -24.17 5.90 -16.66
C GLU A 542 -24.46 4.69 -17.55
N GLN A 543 -23.41 4.13 -18.17
CA GLN A 543 -23.60 2.97 -19.03
C GLN A 543 -24.15 1.78 -18.25
N SER A 544 -23.74 1.63 -16.99
CA SER A 544 -24.20 0.49 -16.19
C SER A 544 -25.72 0.48 -16.08
N VAL A 545 -26.31 1.60 -15.67
CA VAL A 545 -27.76 1.65 -15.52
C VAL A 545 -28.45 1.56 -16.87
N PHE A 546 -27.81 2.03 -17.93
CA PHE A 546 -28.37 1.93 -19.27
C PHE A 546 -28.71 0.48 -19.58
N PRO A 547 -29.98 0.15 -19.86
CA PRO A 547 -30.33 -1.27 -20.04
C PRO A 547 -29.64 -1.91 -21.23
N ASN A 548 -29.69 -1.26 -22.40
CA ASN A 548 -29.08 -1.82 -23.61
C ASN A 548 -27.57 -1.61 -23.66
N ALA A 549 -26.95 -1.20 -22.56
CA ALA A 549 -25.52 -0.95 -22.55
C ALA A 549 -24.76 -2.27 -22.58
N THR A 550 -23.90 -2.42 -23.59
CA THR A 550 -23.01 -3.56 -23.70
C THR A 550 -21.57 -3.07 -23.55
N ASP A 551 -20.63 -4.01 -23.69
CA ASP A 551 -19.22 -3.62 -23.69
C ASP A 551 -18.86 -2.82 -24.94
N ASN A 552 -19.47 -3.16 -26.08
CA ASN A 552 -19.30 -2.36 -27.28
C ASN A 552 -19.66 -0.91 -27.02
N THR A 553 -20.83 -0.67 -26.41
CA THR A 553 -21.28 0.69 -26.17
C THR A 553 -20.42 1.40 -25.14
N LEU A 554 -19.92 0.67 -24.15
CA LEU A 554 -19.10 1.29 -23.11
C LEU A 554 -17.77 1.76 -23.67
N ILE A 555 -17.01 0.85 -24.29
CA ILE A 555 -15.70 1.21 -24.81
C ILE A 555 -15.82 2.33 -25.84
N THR A 556 -16.86 2.28 -26.67
CA THR A 556 -17.06 3.34 -27.65
C THR A 556 -17.42 4.66 -26.96
N LYS A 557 -18.19 4.59 -25.88
CA LYS A 557 -18.53 5.78 -25.11
C LYS A 557 -17.32 6.35 -24.37
N LEU A 558 -16.19 5.63 -24.34
CA LEU A 558 -14.97 6.12 -23.73
C LEU A 558 -14.01 6.73 -24.74
N HIS A 559 -13.79 6.06 -25.87
CA HIS A 559 -12.97 6.64 -26.93
C HIS A 559 -13.61 7.91 -27.46
N SER A 560 -14.84 7.81 -27.97
CA SER A 560 -15.54 8.98 -28.48
C SER A 560 -15.52 10.13 -27.50
N HIS A 561 -15.40 9.84 -26.20
CA HIS A 561 -15.53 10.88 -25.19
C HIS A 561 -14.26 11.72 -25.08
N PHE A 562 -13.13 11.09 -24.76
CA PHE A 562 -11.86 11.80 -24.59
C PHE A 562 -10.70 11.02 -25.18
N SER A 563 -10.87 10.51 -26.40
CA SER A 563 -9.75 9.89 -27.10
C SER A 563 -8.65 10.91 -27.37
N LYS A 564 -8.97 11.96 -28.13
CA LYS A 564 -8.02 13.01 -28.46
C LYS A 564 -8.31 14.30 -27.71
N LYS A 565 -8.88 14.19 -26.50
CA LYS A 565 -9.17 15.34 -25.67
C LYS A 565 -8.45 15.34 -24.33
N ASN A 566 -7.75 14.25 -24.00
CA ASN A 566 -7.03 14.15 -22.73
C ASN A 566 -5.73 13.41 -22.98
N ALA A 567 -4.61 14.05 -22.63
CA ALA A 567 -3.29 13.46 -22.87
C ALA A 567 -2.99 12.28 -21.97
N LYS A 568 -3.77 12.07 -20.91
CA LYS A 568 -3.63 10.91 -20.05
C LYS A 568 -4.51 9.75 -20.51
N TYR A 569 -4.85 9.71 -21.80
CA TYR A 569 -5.74 8.69 -22.34
C TYR A 569 -5.28 8.35 -23.75
N GLU A 570 -5.45 7.09 -24.14
CA GLU A 570 -5.04 6.62 -25.46
C GLU A 570 -6.04 5.61 -25.99
N GLU A 571 -6.60 5.89 -27.17
CA GLU A 571 -7.38 4.91 -27.91
C GLU A 571 -6.41 4.11 -28.79
N PRO A 572 -6.10 2.86 -28.46
CA PRO A 572 -5.10 2.12 -29.24
C PRO A 572 -5.59 1.77 -30.63
N ARG A 573 -4.68 1.88 -31.61
CA ARG A 573 -4.97 1.38 -32.95
C ARG A 573 -5.14 -0.12 -32.97
N PHE A 574 -4.70 -0.83 -31.93
CA PHE A 574 -4.47 -2.26 -31.99
C PHE A 574 -5.53 -3.08 -31.26
N SER A 575 -6.48 -2.45 -30.57
CA SER A 575 -7.51 -3.17 -29.85
C SER A 575 -8.76 -2.32 -29.74
N LYS A 576 -9.91 -2.93 -30.02
CA LYS A 576 -11.18 -2.24 -29.90
C LYS A 576 -11.80 -2.39 -28.50
N THR A 577 -11.13 -3.10 -27.59
CA THR A 577 -11.66 -3.39 -26.27
C THR A 577 -10.77 -2.86 -25.15
N GLU A 578 -9.85 -1.96 -25.45
CA GLU A 578 -8.87 -1.50 -24.47
C GLU A 578 -8.70 0.00 -24.56
N PHE A 579 -8.22 0.59 -23.46
CA PHE A 579 -7.87 1.99 -23.40
C PHE A 579 -6.72 2.16 -22.43
N GLY A 580 -5.84 3.12 -22.72
CA GLY A 580 -4.65 3.36 -21.93
C GLY A 580 -4.78 4.60 -21.07
N VAL A 581 -4.25 4.53 -19.85
CA VAL A 581 -4.18 5.66 -18.93
C VAL A 581 -2.73 5.84 -18.51
N THR A 582 -2.26 7.07 -18.54
CA THR A 582 -0.87 7.38 -18.20
C THR A 582 -0.78 7.70 -16.72
N HIS A 583 -0.54 6.67 -15.92
CA HIS A 583 -0.39 6.83 -14.48
C HIS A 583 0.96 7.44 -14.14
N TYR A 584 1.13 7.77 -12.85
CA TYR A 584 2.40 8.31 -12.38
C TYR A 584 3.54 7.29 -12.52
N ALA A 585 3.21 6.00 -12.56
CA ALA A 585 4.21 4.94 -12.64
C ALA A 585 4.30 4.32 -14.03
N GLY A 586 3.57 4.84 -15.01
CA GLY A 586 3.59 4.34 -16.36
C GLY A 586 2.20 4.21 -16.91
N GLN A 587 2.13 3.76 -18.17
CA GLN A 587 0.85 3.58 -18.83
C GLN A 587 0.34 2.16 -18.62
N VAL A 588 -0.95 2.06 -18.30
CA VAL A 588 -1.62 0.78 -18.10
C VAL A 588 -2.73 0.66 -19.12
N MET A 589 -2.76 -0.43 -19.87
CA MET A 589 -3.79 -0.68 -20.87
C MET A 589 -4.82 -1.62 -20.24
N TYR A 590 -5.94 -1.05 -19.83
CA TYR A 590 -6.98 -1.81 -19.15
C TYR A 590 -7.90 -2.49 -20.15
N GLU A 591 -8.36 -3.69 -19.81
CA GLU A 591 -9.30 -4.44 -20.61
C GLU A 591 -10.70 -4.21 -20.06
N ILE A 592 -11.66 -3.97 -20.96
CA ILE A 592 -13.00 -3.52 -20.57
C ILE A 592 -14.01 -4.65 -20.48
N GLN A 593 -13.63 -5.87 -20.84
CA GLN A 593 -14.58 -6.97 -20.91
C GLN A 593 -15.38 -7.09 -19.62
N ASP A 594 -16.71 -7.03 -19.76
CA ASP A 594 -17.64 -7.38 -18.69
C ASP A 594 -17.49 -6.48 -17.46
N TRP A 595 -17.06 -5.23 -17.67
CA TRP A 595 -17.03 -4.30 -16.54
C TRP A 595 -18.43 -3.93 -16.07
N LEU A 596 -19.40 -3.90 -16.98
CA LEU A 596 -20.76 -3.54 -16.60
C LEU A 596 -21.27 -4.42 -15.47
N GLU A 597 -21.23 -5.74 -15.67
CA GLU A 597 -21.68 -6.65 -14.63
C GLU A 597 -20.82 -6.53 -13.38
N LYS A 598 -19.51 -6.31 -13.55
CA LYS A 598 -18.62 -6.24 -12.41
C LYS A 598 -18.91 -5.02 -11.56
N ASN A 599 -19.29 -3.90 -12.18
CA ASN A 599 -19.65 -2.72 -11.40
C ASN A 599 -21.03 -2.86 -10.78
N LYS A 600 -21.96 -3.54 -11.46
CA LYS A 600 -23.25 -3.82 -10.85
C LYS A 600 -23.12 -4.78 -9.68
N ASP A 601 -22.18 -5.72 -9.76
CA ASP A 601 -22.04 -6.78 -8.78
C ASP A 601 -23.40 -7.45 -8.54
N PRO A 602 -24.02 -8.00 -9.58
CA PRO A 602 -25.36 -8.57 -9.42
C PRO A 602 -25.32 -9.96 -8.80
N LEU A 603 -26.24 -10.19 -7.87
CA LEU A 603 -26.44 -11.50 -7.27
C LEU A 603 -27.91 -11.84 -7.36
N GLN A 604 -28.24 -12.90 -8.12
CA GLN A 604 -29.62 -13.27 -8.33
C GLN A 604 -30.32 -13.47 -6.99
N GLN A 605 -31.61 -13.12 -6.96
CA GLN A 605 -32.29 -12.96 -5.67
C GLN A 605 -32.75 -14.29 -5.09
N ASP A 606 -33.16 -15.25 -5.91
CA ASP A 606 -33.49 -16.56 -5.39
C ASP A 606 -32.30 -17.20 -4.69
N LEU A 607 -31.08 -16.93 -5.18
CA LEU A 607 -29.90 -17.42 -4.48
C LEU A 607 -29.81 -16.82 -3.08
N GLU A 608 -30.08 -15.52 -2.96
CA GLU A 608 -30.01 -14.87 -1.66
C GLU A 608 -31.01 -15.47 -0.67
N LEU A 609 -32.14 -15.96 -1.18
CA LEU A 609 -33.12 -16.61 -0.31
C LEU A 609 -32.68 -18.03 0.06
N CYS A 610 -32.13 -18.75 -0.92
CA CYS A 610 -31.71 -20.13 -0.68
C CYS A 610 -30.79 -20.24 0.53
N PHE A 611 -29.96 -19.21 0.76
CA PHE A 611 -29.02 -19.23 1.88
C PHE A 611 -29.51 -18.46 3.08
N LYS A 612 -30.40 -17.48 2.89
CA LYS A 612 -31.00 -16.81 4.04
C LYS A 612 -31.73 -17.79 4.95
N ASP A 613 -32.11 -18.96 4.43
CA ASP A 613 -32.77 -20.01 5.20
C ASP A 613 -31.82 -21.15 5.55
N SER A 614 -30.52 -20.90 5.50
CA SER A 614 -29.52 -21.94 5.73
C SER A 614 -29.61 -22.44 7.18
N SER A 615 -28.91 -23.55 7.44
CA SER A 615 -28.85 -24.17 8.76
C SER A 615 -27.49 -23.96 9.42
N ASP A 616 -26.77 -22.92 9.04
CA ASP A 616 -25.46 -22.62 9.60
C ASP A 616 -25.45 -21.21 10.15
N ASN A 617 -24.87 -21.05 11.35
CA ASN A 617 -24.87 -19.76 12.02
C ASN A 617 -24.25 -18.68 11.13
N VAL A 618 -23.02 -18.89 10.68
CA VAL A 618 -22.32 -17.87 9.91
C VAL A 618 -23.08 -17.54 8.64
N VAL A 619 -23.29 -18.57 7.79
CA VAL A 619 -23.97 -18.36 6.52
C VAL A 619 -25.26 -17.56 6.74
N THR A 620 -25.96 -17.83 7.85
CA THR A 620 -27.16 -17.07 8.16
C THR A 620 -26.81 -15.61 8.43
N LYS A 621 -25.83 -15.37 9.30
CA LYS A 621 -25.44 -14.00 9.61
C LYS A 621 -24.94 -13.26 8.38
N LEU A 622 -24.47 -13.98 7.35
CA LEU A 622 -23.93 -13.32 6.17
C LEU A 622 -25.04 -12.70 5.32
N PHE A 623 -26.15 -13.43 5.12
CA PHE A 623 -27.20 -12.98 4.23
C PHE A 623 -28.36 -12.32 4.96
N ASN A 624 -28.38 -12.37 6.30
CA ASN A 624 -29.43 -11.74 7.09
C ASN A 624 -28.98 -10.51 7.83
N ASP A 625 -27.69 -10.35 8.08
CA ASP A 625 -27.19 -9.16 8.77
C ASP A 625 -27.21 -7.98 7.79
N PRO A 626 -28.03 -6.95 8.03
CA PRO A 626 -28.12 -5.86 7.03
C PRO A 626 -26.79 -5.22 6.70
N ASN A 627 -25.85 -5.21 7.65
CA ASN A 627 -24.58 -4.54 7.43
C ASN A 627 -23.71 -5.25 6.39
N ILE A 628 -23.98 -6.51 6.11
CA ILE A 628 -23.15 -7.32 5.22
C ILE A 628 -23.87 -7.60 3.91
N ALA A 629 -25.14 -7.99 3.97
CA ALA A 629 -25.90 -8.36 2.78
C ALA A 629 -26.51 -7.15 2.10
N SER A 630 -27.18 -6.29 2.86
CA SER A 630 -27.90 -5.16 2.30
C SER A 630 -26.92 -4.18 1.67
N ARG A 631 -26.93 -4.10 0.35
CA ARG A 631 -26.14 -3.10 -0.36
C ARG A 631 -26.89 -1.78 -0.41
N ALA A 632 -26.17 -0.69 -0.15
CA ALA A 632 -26.81 0.62 -0.11
C ALA A 632 -27.55 0.90 -1.41
N LYS A 633 -28.51 1.83 -1.34
CA LYS A 633 -29.32 2.21 -2.48
C LYS A 633 -29.05 3.66 -2.83
N LYS A 634 -28.97 3.95 -4.12
CA LYS A 634 -28.79 5.31 -4.63
C LYS A 634 -30.07 5.71 -5.34
N GLY A 635 -31.03 6.22 -4.56
CA GLY A 635 -32.30 6.62 -5.11
C GLY A 635 -33.02 5.48 -5.82
N ALA A 636 -33.07 5.57 -7.15
CA ALA A 636 -33.80 4.57 -7.92
C ALA A 636 -33.07 3.23 -7.96
N ASN A 637 -31.75 3.26 -8.05
CA ASN A 637 -30.97 2.04 -8.25
C ASN A 637 -29.95 1.85 -7.13
N PHE A 638 -29.46 0.62 -7.01
CA PHE A 638 -28.44 0.29 -6.03
C PHE A 638 -27.15 1.06 -6.35
N ILE A 639 -26.41 1.39 -5.29
CA ILE A 639 -25.11 2.02 -5.49
C ILE A 639 -24.20 1.04 -6.22
N THR A 640 -23.41 1.57 -7.14
CA THR A 640 -22.48 0.74 -7.90
C THR A 640 -21.18 0.55 -7.12
N VAL A 641 -20.36 -0.37 -7.61
CA VAL A 641 -19.06 -0.61 -6.98
C VAL A 641 -18.20 0.65 -7.07
N ALA A 642 -17.91 1.09 -8.30
CA ALA A 642 -17.07 2.27 -8.49
C ALA A 642 -17.57 3.44 -7.66
N ALA A 643 -18.88 3.70 -7.71
CA ALA A 643 -19.45 4.75 -6.89
C ALA A 643 -19.19 4.49 -5.41
N GLN A 644 -19.28 3.22 -4.99
CA GLN A 644 -19.09 2.90 -3.58
C GLN A 644 -17.65 3.11 -3.16
N TYR A 645 -16.70 2.56 -3.91
CA TYR A 645 -15.30 2.66 -3.51
C TYR A 645 -14.83 4.10 -3.51
N LYS A 646 -15.20 4.87 -4.54
CA LYS A 646 -14.83 6.29 -4.56
C LYS A 646 -15.30 6.98 -3.29
N GLU A 647 -16.48 6.59 -2.78
CA GLU A 647 -16.94 7.14 -1.51
C GLU A 647 -16.11 6.61 -0.35
N GLN A 648 -15.68 5.34 -0.44
CA GLN A 648 -14.84 4.77 0.61
C GLN A 648 -13.47 5.43 0.63
N LEU A 649 -12.84 5.55 -0.53
CA LEU A 649 -11.51 6.13 -0.61
C LEU A 649 -11.52 7.59 -0.16
N ALA A 650 -12.38 8.40 -0.79
CA ALA A 650 -12.47 9.81 -0.42
C ALA A 650 -12.69 9.97 1.08
N SER A 651 -13.51 9.10 1.68
CA SER A 651 -13.70 9.12 3.12
C SER A 651 -12.38 8.85 3.84
N LEU A 652 -11.59 7.92 3.33
CA LEU A 652 -10.29 7.64 3.94
C LEU A 652 -9.34 8.82 3.78
N MET A 653 -9.31 9.42 2.59
CA MET A 653 -8.39 10.53 2.35
C MET A 653 -8.69 11.70 3.28
N ALA A 654 -9.97 12.00 3.50
CA ALA A 654 -10.32 13.05 4.45
C ALA A 654 -9.78 12.70 5.84
N THR A 655 -9.89 11.44 6.24
CA THR A 655 -9.39 11.03 7.55
C THR A 655 -7.88 11.23 7.64
N LEU A 656 -7.16 11.01 6.55
CA LEU A 656 -5.72 11.21 6.55
C LEU A 656 -5.37 12.69 6.71
N GLU A 657 -6.07 13.57 6.00
CA GLU A 657 -5.80 15.00 6.11
C GLU A 657 -5.98 15.50 7.55
N THR A 658 -6.68 14.75 8.39
CA THR A 658 -6.83 15.12 9.80
C THR A 658 -5.55 14.89 10.60
N THR A 659 -4.63 14.08 10.08
CA THR A 659 -3.48 13.62 10.84
C THR A 659 -2.18 14.10 10.21
N ASN A 660 -1.14 14.20 11.03
CA ASN A 660 0.20 14.49 10.53
C ASN A 660 0.79 13.22 9.93
N PRO A 661 1.08 13.19 8.63
CA PRO A 661 1.54 11.94 8.00
C PRO A 661 3.04 11.71 8.21
N HIS A 662 3.45 10.50 7.85
CA HIS A 662 4.86 10.11 7.86
C HIS A 662 5.06 9.09 6.74
N PHE A 663 5.80 9.47 5.71
CA PHE A 663 5.87 8.69 4.49
C PHE A 663 7.01 7.67 4.53
N VAL A 664 6.71 6.47 4.08
CA VAL A 664 7.70 5.41 3.89
C VAL A 664 7.59 4.96 2.44
N ARG A 665 8.54 5.38 1.61
CA ARG A 665 8.55 5.02 0.19
C ARG A 665 9.27 3.68 0.06
N CYS A 666 8.52 2.62 -0.22
CA CYS A 666 9.09 1.30 -0.41
C CYS A 666 9.47 1.12 -1.88
N ILE A 667 10.57 0.43 -2.10
CA ILE A 667 11.15 0.29 -3.44
C ILE A 667 11.55 -1.16 -3.64
N ILE A 668 11.17 -1.73 -4.78
CA ILE A 668 11.49 -3.11 -5.14
C ILE A 668 12.74 -3.09 -5.99
N PRO A 669 13.81 -3.80 -5.61
CA PRO A 669 15.08 -3.68 -6.35
C PRO A 669 15.04 -4.26 -7.75
N ASN A 670 14.14 -5.19 -8.03
CA ASN A 670 14.13 -5.89 -9.31
C ASN A 670 12.78 -6.55 -9.51
N ASN A 671 12.57 -7.07 -10.72
CA ASN A 671 11.31 -7.70 -11.10
C ASN A 671 11.41 -9.22 -11.13
N LYS A 672 12.24 -9.80 -10.27
CA LYS A 672 12.41 -11.24 -10.20
C LYS A 672 12.37 -11.76 -8.76
N GLN A 673 12.06 -10.90 -7.79
CA GLN A 673 11.89 -11.32 -6.40
C GLN A 673 13.16 -11.95 -5.85
N LEU A 674 14.32 -11.42 -6.27
CA LEU A 674 15.61 -11.95 -5.87
C LEU A 674 16.33 -10.99 -4.91
N PRO A 675 17.07 -11.50 -3.94
CA PRO A 675 17.86 -10.62 -3.08
C PRO A 675 19.24 -10.34 -3.66
N ALA A 676 19.86 -9.28 -3.13
CA ALA A 676 21.21 -8.88 -3.52
C ALA A 676 21.34 -8.75 -5.04
N LYS A 677 20.25 -8.42 -5.72
CA LYS A 677 20.24 -8.19 -7.16
C LYS A 677 19.53 -6.85 -7.40
N LEU A 678 20.30 -5.76 -7.33
CA LEU A 678 19.76 -4.40 -7.42
C LEU A 678 19.94 -3.91 -8.85
N GLU A 679 18.82 -3.77 -9.56
CA GLU A 679 18.84 -3.35 -10.97
C GLU A 679 18.69 -1.83 -11.04
N ASP A 680 19.60 -1.18 -11.76
CA ASP A 680 19.61 0.28 -11.81
C ASP A 680 18.36 0.80 -12.52
N LYS A 681 18.06 0.26 -13.70
CA LYS A 681 16.93 0.76 -14.47
C LYS A 681 15.64 0.69 -13.66
N VAL A 682 15.43 -0.42 -12.94
CA VAL A 682 14.18 -0.61 -12.21
C VAL A 682 14.07 0.42 -11.07
N VAL A 683 15.12 0.52 -10.25
CA VAL A 683 15.03 1.35 -9.04
C VAL A 683 14.84 2.82 -9.41
N LEU A 684 15.51 3.28 -10.47
CA LEU A 684 15.45 4.69 -10.81
C LEU A 684 14.04 5.09 -11.25
N ASP A 685 13.37 4.22 -12.01
CA ASP A 685 11.99 4.50 -12.41
C ASP A 685 11.10 4.72 -11.20
N GLN A 686 11.37 4.03 -10.09
CA GLN A 686 10.56 4.19 -8.89
C GLN A 686 10.92 5.49 -8.17
N LEU A 687 12.22 5.69 -7.90
CA LEU A 687 12.67 6.95 -7.33
C LEU A 687 12.21 8.12 -8.19
N ARG A 688 12.41 8.01 -9.50
CA ARG A 688 12.10 9.09 -10.42
C ARG A 688 10.64 9.52 -10.31
N CYS A 689 9.73 8.55 -10.22
CA CYS A 689 8.31 8.85 -10.21
C CYS A 689 7.73 9.00 -8.81
N ASN A 690 8.44 8.57 -7.77
CA ASN A 690 7.98 8.78 -6.41
C ASN A 690 8.27 10.18 -5.89
N GLY A 691 9.02 10.98 -6.65
CA GLY A 691 9.41 12.29 -6.17
C GLY A 691 10.46 12.25 -5.08
N VAL A 692 11.14 11.11 -4.91
CA VAL A 692 12.16 11.00 -3.88
C VAL A 692 13.22 12.08 -4.07
N LEU A 693 13.78 12.17 -5.27
CA LEU A 693 14.80 13.19 -5.54
C LEU A 693 14.24 14.58 -5.29
N GLU A 694 13.09 14.90 -5.91
CA GLU A 694 12.43 16.17 -5.64
C GLU A 694 12.17 16.33 -4.14
N GLY A 695 11.76 15.25 -3.48
CA GLY A 695 11.42 15.31 -2.06
C GLY A 695 12.55 15.77 -1.17
N ILE A 696 13.80 15.58 -1.61
CA ILE A 696 14.93 16.02 -0.80
C ILE A 696 15.22 17.49 -1.05
N ARG A 697 15.12 17.93 -2.30
CA ARG A 697 15.39 19.34 -2.61
C ARG A 697 14.56 20.26 -1.75
N ILE A 698 13.26 19.98 -1.64
CA ILE A 698 12.39 20.83 -0.82
C ILE A 698 12.84 20.79 0.64
N THR A 699 13.31 19.62 1.11
CA THR A 699 13.90 19.54 2.43
C THR A 699 15.24 20.27 2.50
N ARG A 700 16.00 20.23 1.40
CA ARG A 700 17.35 20.80 1.40
C ARG A 700 17.31 22.30 1.18
N LYS A 701 16.53 22.75 0.20
CA LYS A 701 16.43 24.17 -0.11
C LYS A 701 15.41 24.91 0.76
N GLY A 702 14.59 24.19 1.52
CA GLY A 702 13.57 24.78 2.34
C GLY A 702 13.89 24.72 3.81
N PHE A 703 12.83 24.90 4.63
CA PHE A 703 12.93 24.89 6.09
C PHE A 703 11.99 23.83 6.63
N PRO A 704 12.47 22.60 6.85
CA PRO A 704 11.58 21.53 7.31
C PRO A 704 11.00 21.76 8.69
N ASN A 705 11.86 22.06 9.66
CA ASN A 705 11.44 22.17 11.05
C ASN A 705 10.78 23.52 11.31
N ARG A 706 9.65 23.49 12.02
CA ARG A 706 8.90 24.68 12.34
C ARG A 706 8.26 24.50 13.71
N ILE A 707 8.37 25.52 14.56
CA ILE A 707 7.81 25.46 15.91
C ILE A 707 7.40 26.86 16.32
N ILE A 708 6.30 26.96 17.08
CA ILE A 708 5.86 28.24 17.59
C ILE A 708 6.97 28.89 18.40
N TYR A 709 7.08 30.21 18.30
CA TYR A 709 8.15 30.91 18.98
C TYR A 709 8.08 30.70 20.50
N ALA A 710 6.87 30.63 21.05
CA ALA A 710 6.73 30.50 22.49
C ALA A 710 7.20 29.13 22.97
N ASP A 711 6.90 28.08 22.21
CA ASP A 711 7.21 26.71 22.62
C ASP A 711 8.69 26.37 22.52
N PHE A 712 9.58 27.32 22.21
CA PHE A 712 10.99 27.01 22.05
C PHE A 712 11.79 27.13 23.35
N VAL A 713 11.33 27.95 24.29
CA VAL A 713 12.03 28.10 25.56
C VAL A 713 12.15 26.76 26.26
N LYS A 714 11.11 25.92 26.16
CA LYS A 714 11.11 24.62 26.79
C LYS A 714 12.21 23.73 26.22
N TYR A 716 16.34 27.78 28.44
CA TYR A 716 16.43 27.17 29.76
C TYR A 716 17.50 26.09 29.77
N TYR A 717 18.75 26.49 29.56
CA TYR A 717 19.87 25.55 29.47
C TYR A 717 21.05 25.95 30.34
N LEU A 718 20.89 26.94 31.22
CA LEU A 718 21.86 27.26 32.27
C LEU A 718 23.29 27.34 31.72
N LEU A 719 23.44 28.03 30.60
CA LEU A 719 24.75 28.43 30.07
C LEU A 719 24.59 29.87 29.59
N ALA A 720 24.82 30.82 30.49
CA ALA A 720 24.42 32.20 30.26
C ALA A 720 22.92 32.25 30.07
N PRO A 721 22.14 31.80 31.07
CA PRO A 721 20.69 31.68 30.88
C PRO A 721 19.98 33.02 31.05
N ASN A 722 19.14 33.35 30.07
CA ASN A 722 18.25 34.51 30.15
C ASN A 722 16.87 34.13 29.62
N VAL A 723 16.37 32.98 30.03
CA VAL A 723 15.16 32.39 29.46
C VAL A 723 14.00 32.52 30.43
N PRO A 724 13.16 33.55 30.33
CA PRO A 724 11.94 33.61 31.15
C PRO A 724 10.85 32.74 30.53
N ARG A 725 10.30 31.83 31.33
CA ARG A 725 9.19 31.01 30.85
C ARG A 725 8.08 31.88 30.29
N ASP A 726 7.64 32.87 31.05
CA ASP A 726 6.68 33.87 30.58
C ASP A 726 7.46 34.95 29.84
N ALA A 727 7.86 34.62 28.62
CA ALA A 727 8.72 35.49 27.81
C ALA A 727 7.84 36.45 27.02
N GLU A 728 7.68 37.67 27.53
CA GLU A 728 7.03 38.72 26.76
C GLU A 728 7.86 39.04 25.53
N ASP A 729 7.18 39.31 24.41
CA ASP A 729 7.84 39.53 23.14
C ASP A 729 8.70 38.32 22.77
N SER A 730 8.02 37.18 22.58
CA SER A 730 8.70 35.92 22.31
C SER A 730 9.74 36.05 21.20
N GLN A 731 9.49 36.92 20.22
CA GLN A 731 10.43 37.11 19.12
C GLN A 731 11.82 37.46 19.65
N LYS A 732 11.90 38.51 20.47
CA LYS A 732 13.20 38.89 21.04
C LYS A 732 13.69 37.87 22.05
N ALA A 733 12.78 37.18 22.74
CA ALA A 733 13.19 36.19 23.73
C ALA A 733 13.94 35.03 23.06
N THR A 734 13.38 34.48 21.98
CA THR A 734 14.03 33.36 21.32
C THR A 734 15.26 33.82 20.55
N ASP A 735 15.20 35.00 19.94
CA ASP A 735 16.36 35.51 19.21
C ASP A 735 17.58 35.62 20.12
N ALA A 736 17.38 36.06 21.35
CA ALA A 736 18.50 36.14 22.30
C ALA A 736 19.13 34.78 22.51
N VAL A 737 18.30 33.73 22.61
CA VAL A 737 18.84 32.38 22.78
C VAL A 737 19.63 31.97 21.54
N LEU A 738 19.05 32.17 20.36
CA LEU A 738 19.76 31.87 19.13
C LEU A 738 21.00 32.74 18.98
N LYS A 739 20.92 34.00 19.41
CA LYS A 739 22.07 34.89 19.35
C LYS A 739 23.22 34.35 20.18
N HIS A 740 22.96 34.02 21.44
CA HIS A 740 23.99 33.45 22.29
C HIS A 740 24.44 32.08 21.78
N LEU A 741 23.49 31.25 21.34
CA LEU A 741 23.83 29.93 20.82
C LEU A 741 24.80 30.01 19.66
N ASN A 742 24.94 31.18 19.03
CA ASN A 742 25.89 31.37 17.94
C ASN A 742 25.63 30.38 16.81
N ILE A 743 24.37 30.28 16.41
CA ILE A 743 23.96 29.45 15.28
C ILE A 743 23.82 30.36 14.06
N ASP A 744 24.37 29.91 12.93
CA ASP A 744 24.37 30.68 11.69
C ASP A 744 22.97 31.24 11.43
N PRO A 745 22.79 32.56 11.40
CA PRO A 745 21.44 33.11 11.19
C PRO A 745 20.87 32.77 9.82
N GLU A 746 21.72 32.64 8.80
CA GLU A 746 21.24 32.18 7.50
C GLU A 746 20.56 30.82 7.61
N GLN A 747 21.08 29.95 8.48
CA GLN A 747 20.55 28.60 8.60
C GLN A 747 19.16 28.58 9.20
N TYR A 748 18.76 29.63 9.93
CA TYR A 748 17.43 29.70 10.53
C TYR A 748 16.81 31.07 10.23
N ARG A 749 16.16 31.18 9.07
CA ARG A 749 15.22 32.27 8.86
C ARG A 749 13.95 31.99 9.65
N PHE A 750 13.42 33.01 10.32
CA PHE A 750 12.22 32.87 11.12
C PHE A 750 11.14 33.83 10.62
N GLY A 751 9.89 33.45 10.84
CA GLY A 751 8.77 34.22 10.35
C GLY A 751 7.89 34.80 11.44
N ILE A 752 6.61 34.98 11.14
CA ILE A 752 5.72 35.72 12.03
C ILE A 752 5.49 34.94 13.32
N THR A 753 4.90 33.75 13.22
CA THR A 753 4.41 33.03 14.39
C THR A 753 5.35 31.92 14.86
N LYS A 754 6.18 31.38 13.98
CA LYS A 754 7.07 30.28 14.34
C LYS A 754 8.45 30.54 13.77
N ILE A 755 9.44 29.84 14.32
CA ILE A 755 10.81 29.87 13.83
C ILE A 755 11.01 28.67 12.92
N PHE A 756 11.59 28.92 11.74
CA PHE A 756 11.88 27.87 10.78
C PHE A 756 13.38 27.61 10.74
N PHE A 757 13.75 26.33 10.67
CA PHE A 757 15.14 25.91 10.63
C PHE A 757 15.39 25.13 9.34
N ARG A 758 16.57 25.31 8.76
CA ARG A 758 16.94 24.56 7.58
C ARG A 758 17.22 23.11 7.95
N ALA A 759 17.48 22.28 6.94
CA ALA A 759 17.67 20.86 7.15
C ALA A 759 18.71 20.59 8.23
N GLY A 760 18.28 19.95 9.31
CA GLY A 760 19.17 19.56 10.39
C GLY A 760 19.67 20.68 11.27
N GLN A 761 19.39 21.94 10.93
CA GLN A 761 19.86 23.04 11.76
C GLN A 761 19.31 22.92 13.19
N LEU A 762 18.06 22.49 13.32
CA LEU A 762 17.48 22.32 14.65
C LEU A 762 17.99 21.06 15.33
N ALA A 763 18.30 20.01 14.58
CA ALA A 763 18.85 18.80 15.18
C ALA A 763 20.13 19.11 15.94
N ARG A 764 21.00 19.94 15.37
CA ARG A 764 22.22 20.35 16.07
C ARG A 764 21.94 21.32 17.21
N ILE A 765 20.75 21.90 17.27
CA ILE A 765 20.40 22.84 18.34
C ILE A 765 19.81 22.10 19.54
N GLU A 766 18.86 21.19 19.29
CA GLU A 766 18.22 20.47 20.38
C GLU A 766 19.14 19.46 21.03
N GLU A 767 20.21 19.04 20.35
CA GLU A 767 21.14 18.08 20.92
C GLU A 767 21.94 18.67 22.07
N ALA A 768 22.01 20.00 22.17
CA ALA A 768 22.76 20.63 23.26
C ALA A 768 22.20 20.20 24.61
N ARG A 769 20.88 20.13 24.74
CA ARG A 769 20.29 19.73 26.01
C ARG A 769 20.71 18.32 26.40
N GLU A 770 20.78 17.41 25.43
CA GLU A 770 21.18 16.04 25.70
C GLU A 770 22.70 15.88 25.60
MG MG B . 0.75 -6.23 0.65
C01 Q5Q C . -14.95 -6.15 -5.39
C02 Q5Q C . -14.72 -6.00 -6.89
C03 Q5Q C . -15.38 -4.98 -7.58
C04 Q5Q C . -15.18 -4.82 -8.95
C05 Q5Q C . -14.31 -5.69 -9.64
C07 Q5Q C . -13.08 -6.78 -11.17
C08 Q5Q C . -12.41 -7.26 -12.32
C10 Q5Q C . -11.55 -8.35 -12.25
C11 Q5Q C . -11.34 -8.97 -11.02
C13 Q5Q C . -12.00 -8.49 -9.89
C14 Q5Q C . -12.86 -7.39 -9.97
C15 Q5Q C . -13.67 -6.69 -8.96
C16 Q5Q C . -13.87 -6.85 -7.57
N06 Q5Q C . -13.95 -5.76 -10.95
O09 Q5Q C . -12.61 -6.65 -13.56
BR2 Q5Q C . -10.13 -10.49 -10.90
BR1 Q5Q C . -11.76 -9.30 -8.15
H011 Q5Q C . -15.28 -5.32 -5.02
H012 Q5Q C . -14.11 -6.38 -4.95
H013 Q5Q C . -15.60 -6.85 -5.23
H031 Q5Q C . -15.95 -4.41 -7.12
H041 Q5Q C . -15.62 -4.14 -9.40
H101 Q5Q C . -11.12 -8.66 -13.01
H161 Q5Q C . -13.42 -7.53 -7.12
H061 Q5Q C . -14.23 -5.23 -11.57
H091 Q5Q C . -12.31 -7.16 -14.18
VG AD9 D . 1.39 -6.04 -2.99
O1G AD9 D . 0.21 -4.53 -3.00
O2G AD9 D . 0.98 -6.97 -4.75
O3G AD9 D . 0.40 -6.47 -1.44
PB AD9 D . 3.76 -5.73 -0.88
O1B AD9 D . 4.63 -4.65 -0.57
O2B AD9 D . 2.74 -5.59 0.08
O3B AD9 D . 3.23 -5.42 -2.33
PA AD9 D . 5.27 -7.39 0.63
O1A AD9 D . 5.06 -6.21 1.37
O2A AD9 D . 4.74 -8.41 1.41
O3A AD9 D . 4.55 -7.11 -0.73
O5' AD9 D . 6.73 -7.90 0.42
C5' AD9 D . 6.78 -8.92 -0.49
C4' AD9 D . 7.87 -9.89 -0.08
O4' AD9 D . 9.13 -9.11 0.16
C3' AD9 D . 7.57 -10.39 1.05
O3' AD9 D . 7.00 -11.69 0.85
C2' AD9 D . 8.95 -10.55 1.88
O2' AD9 D . 9.52 -11.78 1.56
C1' AD9 D . 9.78 -9.75 1.39
N9 AD9 D . 10.06 -8.70 2.26
C8 AD9 D . 9.43 -7.56 2.28
N7 AD9 D . 9.96 -6.80 3.18
C5 AD9 D . 10.90 -7.50 3.77
C6 AD9 D . 11.75 -7.22 4.79
N6 AD9 D . 11.65 -5.94 5.38
N1 AD9 D . 12.59 -8.11 5.17
C2 AD9 D . 12.64 -9.27 4.61
C4 AD9 D . 10.97 -8.70 3.19
N3 AD9 D . 11.82 -9.57 3.62
H2G1 AD9 D . 0.68 -6.36 -5.29
H3G1 AD9 D . 0.28 -5.69 -1.10
H5'1 AD9 D . 5.91 -9.37 -0.51
H5'2 AD9 D . 6.96 -8.56 -1.37
H4' AD9 D . 8.01 -10.59 -0.74
H3' AD9 D . 6.95 -9.81 1.53
H1' AD9 D . 10.59 -10.22 1.13
HA AD9 D . 7.61 -12.28 0.95
H2' AD9 D . 8.82 -10.42 2.83
HB AD9 D . 9.84 -12.14 2.26
H8 AD9 D . 8.76 -7.32 1.69
H6N1 AD9 D . 11.87 -5.24 4.94
H6N2 AD9 D . 11.37 -5.87 6.19
H2 AD9 D . 13.26 -9.90 4.89
C ACT E . 32.57 25.97 -23.54
O ACT E . 31.59 25.35 -24.02
OXT ACT E . 32.50 26.58 -22.46
CH3 ACT E . 33.86 25.99 -24.32
H1 ACT E . 34.45 25.15 -24.05
H2 ACT E . 34.39 26.88 -24.09
H3 ACT E . 33.65 25.96 -25.35
C1 GOL F . -21.18 -10.55 16.37
O1 GOL F . -21.70 -10.61 17.66
C2 GOL F . -22.20 -11.26 15.45
O2 GOL F . -22.80 -10.38 14.57
C3 GOL F . -21.38 -12.34 14.71
O3 GOL F . -22.27 -13.02 13.88
H11 GOL F . -21.04 -9.64 16.06
H12 GOL F . -20.32 -11.00 16.29
H2 GOL F . -22.91 -11.65 15.97
HO2 GOL F . -23.40 -10.79 14.15
H31 GOL F . -20.65 -11.92 14.23
H32 GOL F . -20.96 -12.92 15.37
C1 GOL G . -22.84 -8.89 -3.13
O1 GOL G . -22.42 -9.02 -1.81
C2 GOL G . -24.15 -8.07 -3.11
O2 GOL G . -24.03 -6.90 -2.36
C3 GOL G . -24.47 -7.80 -4.60
O3 GOL G . -25.68 -7.10 -4.63
H11 GOL G . -22.20 -8.45 -3.69
H12 GOL G . -23.01 -9.75 -3.55
HO1 GOL G . -22.69 -8.31 -1.40
H2 GOL G . -24.87 -8.58 -2.69
HO2 GOL G . -24.77 -6.48 -2.40
H31 GOL G . -23.73 -7.30 -4.99
H32 GOL G . -24.49 -8.64 -5.07
HO3 GOL G . -25.82 -6.89 -5.45
C ACT H . -6.11 14.25 -2.40
O ACT H . -6.04 13.64 -3.49
OXT ACT H . -5.30 15.13 -2.07
CH3 ACT H . -7.23 13.91 -1.45
H1 ACT H . -6.92 13.14 -0.80
H2 ACT H . -7.49 14.77 -0.88
H3 ACT H . -8.08 13.59 -2.00
C ACT I . -14.42 -6.00 1.04
O ACT I . -15.35 -6.83 0.94
OXT ACT I . -13.45 -6.19 1.81
CH3 ACT I . -14.49 -4.73 0.25
H1 ACT I . -14.06 -4.88 -0.71
H2 ACT I . -13.96 -3.96 0.75
H3 ACT I . -15.50 -4.44 0.13
C1 GOL J . 23.78 0.74 23.48
O1 GOL J . 23.71 1.91 24.24
C2 GOL J . 25.12 0.78 22.69
O2 GOL J . 25.13 -0.14 21.64
C3 GOL J . 26.22 0.48 23.75
O3 GOL J . 26.23 1.57 24.63
H11 GOL J . 23.75 -0.06 24.02
H12 GOL J . 23.04 0.67 22.85
HO1 GOL J . 23.97 1.69 25.02
H2 GOL J . 25.25 1.65 22.29
HO2 GOL J . 25.94 -0.24 21.39
H31 GOL J . 26.01 -0.37 24.18
H32 GOL J . 27.06 0.35 23.29
HO3 GOL J . 26.52 1.27 25.37
C1 GOL K . -23.38 11.86 -24.72
O1 GOL K . -22.73 11.74 -23.50
C2 GOL K . -22.31 11.71 -25.83
O2 GOL K . -21.28 12.64 -25.70
C3 GOL K . -21.80 10.25 -25.70
O3 GOL K . -20.88 10.07 -26.72
H11 GOL K . -23.82 12.72 -24.82
H12 GOL K . -24.07 11.20 -24.85
HO1 GOL K . -23.31 11.88 -22.90
H2 GOL K . -22.71 11.86 -26.70
HO2 GOL K . -20.79 12.39 -25.06
H31 GOL K . -21.43 10.13 -24.81
H32 GOL K . -22.56 9.65 -25.75
HO3 GOL K . -20.52 9.30 -26.58
C1 GOL L . 31.31 1.83 -7.40
O1 GOL L . 30.89 1.36 -6.16
C2 GOL L . 32.56 2.71 -7.15
O2 GOL L . 33.60 2.00 -6.56
C3 GOL L . 32.94 3.26 -8.55
O3 GOL L . 34.17 3.89 -8.41
H11 GOL L . 31.55 1.11 -8.00
H12 GOL L . 30.64 2.35 -7.85
HO1 GOL L . 31.58 1.03 -5.77
H2 GOL L . 32.35 3.43 -6.53
HO2 GOL L . 33.67 1.25 -6.97
H31 GOL L . 32.94 2.53 -9.19
H32 GOL L . 32.23 3.86 -8.85
HO3 GOL L . 34.54 3.86 -9.18
#